data_8WD5
#
_entry.id   8WD5
#
_cell.length_a   63.530
_cell.length_b   64.967
_cell.length_c   108.378
_cell.angle_alpha   90.000
_cell.angle_beta   92.425
_cell.angle_gamma   90.000
#
_symmetry.space_group_name_H-M   'P 1 21 1'
#
loop_
_entity.id
_entity.type
_entity.pdbx_description
1 polymer 'Farnesyl pyrophosphate synthase'
2 non-polymer GLYCEROL
3 water water
#
_entity_poly.entity_id   1
_entity_poly.type   'polypeptide(L)'
_entity_poly.pdbx_seq_one_letter_code
;MHHHHHHSSGVDLGTENLYFQSMSKDQSREFMAVFPDIVRDLTETGKHIDVPEASKWLAKLLQYNVPNGKKNRGLATILA
YKMLEKKENLTPENILLANVMGWCVEMFHTHQLLLNDIMEGTTMRRGVPCWHRRPDVGLNGINDAALIQSAMYTSLKRHF
NSKPYYNYVLETFNEMLMKCSMGHYVQKLMLKTDKPDLSLFTMEKYEAITKYKTSYYTFQMPVSLALLMTGVDDPETHRQ
AKTILLKMGEFFQIQDDFLDCFGDPTVTEKYGTDIQDGKCTWLAVVALQRATPAQKQIMEDNYGVNKPEAIARIKDLYEE
LQLPHTYSVFEETTYDLLRTQIQQVTRGLPHELFFKILDNIFRRSV
;
_entity_poly.pdbx_strand_id   A,B
#
# COMPACT_ATOMS: atom_id res chain seq x y z
N ASN A 17 -36.26 -1.55 -21.79
CA ASN A 17 -34.83 -1.15 -21.54
C ASN A 17 -34.69 0.39 -21.38
N LEU A 18 -35.74 1.19 -21.63
CA LEU A 18 -35.56 2.68 -21.75
C LEU A 18 -35.32 3.31 -20.38
N TYR A 19 -36.12 3.00 -19.35
CA TYR A 19 -35.93 3.53 -17.98
C TYR A 19 -34.48 3.27 -17.55
N PHE A 20 -34.03 2.01 -17.64
CA PHE A 20 -32.67 1.57 -17.24
C PHE A 20 -31.61 2.43 -17.95
N GLN A 21 -31.69 2.55 -19.29
CA GLN A 21 -30.66 3.26 -20.11
C GLN A 21 -30.61 4.74 -19.71
N SER A 22 -31.73 5.33 -19.25
CA SER A 22 -31.86 6.77 -18.89
C SER A 22 -31.40 7.04 -17.46
N MET A 23 -31.84 6.24 -16.50
CA MET A 23 -31.43 6.37 -15.08
C MET A 23 -29.93 6.06 -14.96
N SER A 24 -29.41 5.09 -15.73
CA SER A 24 -27.95 4.86 -15.86
C SER A 24 -27.26 6.10 -16.45
N LYS A 25 -27.78 6.65 -17.55
CA LYS A 25 -27.24 7.88 -18.22
C LYS A 25 -27.07 9.01 -17.20
N ASP A 26 -27.95 9.16 -16.20
CA ASP A 26 -27.91 10.31 -15.26
C ASP A 26 -27.25 9.91 -13.93
N GLN A 27 -27.36 8.66 -13.54
CA GLN A 27 -26.59 8.12 -12.38
C GLN A 27 -25.09 8.33 -12.66
N SER A 28 -24.63 7.91 -13.84
CA SER A 28 -23.21 7.97 -14.26
C SER A 28 -22.78 9.44 -14.32
N ARG A 29 -23.74 10.32 -14.60
CA ARG A 29 -23.51 11.76 -14.86
C ARG A 29 -23.36 12.51 -13.53
N GLU A 30 -24.23 12.15 -12.56
CA GLU A 30 -24.19 12.63 -11.16
C GLU A 30 -22.86 12.20 -10.50
N PHE A 31 -22.47 10.94 -10.73
CA PHE A 31 -21.27 10.29 -10.15
C PHE A 31 -20.02 11.00 -10.66
N MET A 32 -19.91 11.23 -11.99
CA MET A 32 -18.72 11.85 -12.64
C MET A 32 -18.54 13.31 -12.20
N ALA A 33 -19.62 13.96 -11.72
CA ALA A 33 -19.63 15.38 -11.32
C ALA A 33 -19.18 15.53 -9.86
N VAL A 34 -18.82 14.43 -9.17
CA VAL A 34 -18.39 14.49 -7.75
C VAL A 34 -16.87 14.37 -7.69
N PHE A 35 -16.26 13.66 -8.63
CA PHE A 35 -14.79 13.51 -8.76
C PHE A 35 -14.09 14.87 -8.66
N PRO A 36 -14.32 15.86 -9.56
CA PRO A 36 -13.60 17.14 -9.52
C PRO A 36 -13.31 17.67 -8.11
N ASP A 37 -14.30 17.54 -7.22
CA ASP A 37 -14.27 18.08 -5.84
C ASP A 37 -13.46 17.15 -4.93
N ILE A 38 -13.47 15.84 -5.18
CA ILE A 38 -12.55 14.89 -4.49
C ILE A 38 -11.11 15.36 -4.74
N VAL A 39 -10.73 15.61 -6.00
CA VAL A 39 -9.37 16.14 -6.34
C VAL A 39 -9.13 17.41 -5.53
N ARG A 40 -9.98 18.44 -5.69
CA ARG A 40 -9.86 19.80 -5.10
C ARG A 40 -9.67 19.72 -3.57
N ASP A 41 -10.44 18.88 -2.89
CA ASP A 41 -10.37 18.70 -1.41
C ASP A 41 -9.01 18.16 -0.95
N LEU A 42 -8.36 17.32 -1.76
CA LEU A 42 -7.01 16.73 -1.50
C LEU A 42 -5.90 17.74 -1.81
N THR A 43 -6.21 18.90 -2.41
CA THR A 43 -5.28 20.03 -2.75
C THR A 43 -5.83 21.42 -2.35
N GLU A 44 -5.86 21.72 -1.04
CA GLU A 44 -6.24 23.01 -0.41
C GLU A 44 -6.05 22.90 1.10
N ILE A 49 2.05 22.21 3.04
CA ILE A 49 2.54 23.57 2.65
C ILE A 49 4.05 23.54 2.34
N ASP A 50 4.84 22.70 3.02
CA ASP A 50 6.30 22.57 2.78
C ASP A 50 6.55 22.08 1.35
N VAL A 51 5.65 21.24 0.83
CA VAL A 51 5.81 20.53 -0.47
C VAL A 51 4.58 20.77 -1.33
N PRO A 52 4.36 22.00 -1.85
CA PRO A 52 3.19 22.25 -2.72
C PRO A 52 3.23 21.47 -4.04
N GLU A 53 4.42 21.11 -4.56
CA GLU A 53 4.64 20.35 -5.82
C GLU A 53 4.11 18.92 -5.70
N ALA A 54 4.09 18.35 -4.50
CA ALA A 54 3.56 17.01 -4.21
C ALA A 54 2.04 17.02 -4.36
N SER A 55 1.40 18.16 -4.10
CA SER A 55 -0.08 18.31 -4.22
C SER A 55 -0.48 18.49 -5.69
N LYS A 56 0.31 19.26 -6.45
CA LYS A 56 0.18 19.35 -7.93
C LYS A 56 0.27 17.95 -8.53
N TRP A 57 1.24 17.14 -8.10
CA TRP A 57 1.49 15.79 -8.69
C TRP A 57 0.33 14.86 -8.36
N LEU A 58 -0.16 14.90 -7.12
CA LEU A 58 -1.34 14.09 -6.71
C LEU A 58 -2.55 14.48 -7.56
N ALA A 59 -2.67 15.74 -8.00
CA ALA A 59 -3.73 16.19 -8.94
C ALA A 59 -3.58 15.49 -10.30
N LYS A 60 -2.52 15.77 -11.08
CA LYS A 60 -2.21 15.08 -12.38
C LYS A 60 -2.57 13.61 -12.27
N LEU A 61 -2.05 12.98 -11.21
CA LEU A 61 -1.98 11.52 -10.96
C LEU A 61 -3.39 10.95 -10.83
N LEU A 62 -4.24 11.63 -10.07
CA LEU A 62 -5.67 11.25 -9.90
C LEU A 62 -6.41 11.43 -11.22
N GLN A 63 -6.16 12.52 -11.93
CA GLN A 63 -6.98 12.89 -13.12
C GLN A 63 -6.70 11.95 -14.31
N TYR A 64 -5.52 11.32 -14.40
CA TYR A 64 -5.10 10.41 -15.52
C TYR A 64 -5.55 8.98 -15.23
N ASN A 65 -5.53 8.56 -13.96
CA ASN A 65 -5.56 7.12 -13.59
C ASN A 65 -6.95 6.70 -13.09
N VAL A 66 -7.66 7.52 -12.33
CA VAL A 66 -8.91 7.07 -11.64
C VAL A 66 -10.23 7.28 -12.37
N PRO A 67 -10.55 8.43 -13.00
CA PRO A 67 -11.92 8.65 -13.50
C PRO A 67 -12.24 8.16 -14.93
N ASN A 68 -11.29 7.51 -15.61
CA ASN A 68 -11.33 7.18 -17.06
C ASN A 68 -11.76 5.73 -17.29
N GLY A 69 -12.12 5.01 -16.22
CA GLY A 69 -12.60 3.60 -16.30
C GLY A 69 -14.06 3.53 -16.67
N LYS A 70 -14.62 2.32 -16.72
CA LYS A 70 -16.07 2.12 -16.96
C LYS A 70 -16.85 2.29 -15.65
N LYS A 71 -16.14 2.38 -14.51
CA LYS A 71 -16.67 2.82 -13.18
C LYS A 71 -17.70 1.83 -12.62
N ASN A 72 -17.55 0.53 -12.90
CA ASN A 72 -18.54 -0.51 -12.49
C ASN A 72 -18.69 -0.57 -10.96
N ARG A 73 -17.59 -0.69 -10.19
CA ARG A 73 -17.70 -0.94 -8.73
C ARG A 73 -18.22 0.31 -8.03
N GLY A 74 -17.66 1.48 -8.35
CA GLY A 74 -18.15 2.79 -7.88
C GLY A 74 -19.65 2.95 -8.11
N LEU A 75 -20.10 2.66 -9.33
CA LEU A 75 -21.53 2.71 -9.72
C LEU A 75 -22.31 1.66 -8.93
N ALA A 76 -21.73 0.48 -8.71
CA ALA A 76 -22.34 -0.62 -7.93
C ALA A 76 -22.53 -0.19 -6.48
N THR A 77 -21.62 0.62 -5.95
CA THR A 77 -21.61 1.05 -4.54
C THR A 77 -22.75 2.03 -4.27
N ILE A 78 -23.00 2.93 -5.22
CA ILE A 78 -24.11 3.93 -5.17
C ILE A 78 -25.43 3.24 -5.56
N LEU A 79 -25.44 2.39 -6.59
CA LEU A 79 -26.66 1.62 -6.96
C LEU A 79 -27.17 0.88 -5.73
N ALA A 80 -26.25 0.29 -4.93
CA ALA A 80 -26.56 -0.63 -3.81
C ALA A 80 -27.15 0.19 -2.65
N TYR A 81 -26.66 1.40 -2.47
CA TYR A 81 -27.03 2.30 -1.35
C TYR A 81 -28.49 2.76 -1.54
N LYS A 82 -28.81 3.28 -2.72
CA LYS A 82 -30.20 3.62 -3.15
C LYS A 82 -31.14 2.42 -2.87
N MET A 83 -30.76 1.21 -3.27
CA MET A 83 -31.58 -0.05 -3.10
C MET A 83 -31.71 -0.43 -1.62
N LEU A 84 -30.83 0.03 -0.72
CA LEU A 84 -30.70 -0.52 0.66
C LEU A 84 -31.13 0.50 1.73
N GLU A 85 -30.93 1.80 1.47
CA GLU A 85 -31.20 2.88 2.44
C GLU A 85 -32.70 3.06 2.56
N LYS A 86 -33.15 3.55 3.72
CA LYS A 86 -34.57 3.91 3.93
C LYS A 86 -34.87 5.20 3.15
N LYS A 87 -36.09 5.31 2.62
CA LYS A 87 -36.51 6.40 1.70
C LYS A 87 -36.37 7.76 2.40
N GLU A 88 -36.79 7.86 3.66
CA GLU A 88 -36.67 9.11 4.47
C GLU A 88 -35.20 9.43 4.74
N ASN A 89 -34.25 8.64 4.23
CA ASN A 89 -32.79 8.87 4.39
C ASN A 89 -32.12 9.09 3.02
N LEU A 90 -32.87 9.14 1.91
CA LEU A 90 -32.30 9.34 0.55
C LEU A 90 -32.22 10.85 0.26
N THR A 91 -31.41 11.55 1.05
CA THR A 91 -31.17 13.01 1.03
C THR A 91 -30.00 13.32 0.11
N PRO A 92 -29.96 14.49 -0.57
CA PRO A 92 -28.84 14.81 -1.46
C PRO A 92 -27.48 14.70 -0.74
N GLU A 93 -27.46 14.85 0.59
CA GLU A 93 -26.26 14.77 1.47
C GLU A 93 -25.78 13.32 1.61
N ASN A 94 -26.71 12.37 1.79
CA ASN A 94 -26.36 10.94 1.90
C ASN A 94 -26.02 10.38 0.51
N ILE A 95 -26.76 10.78 -0.53
CA ILE A 95 -26.47 10.45 -1.97
C ILE A 95 -25.01 10.82 -2.25
N LEU A 96 -24.58 12.05 -1.92
CA LEU A 96 -23.20 12.54 -2.20
C LEU A 96 -22.18 11.65 -1.47
N LEU A 97 -22.51 11.17 -0.28
CA LEU A 97 -21.63 10.28 0.53
C LEU A 97 -21.57 8.89 -0.08
N ALA A 98 -22.68 8.31 -0.53
CA ALA A 98 -22.68 7.02 -1.23
C ALA A 98 -21.83 7.18 -2.49
N ASN A 99 -21.96 8.36 -3.08
CA ASN A 99 -21.24 8.81 -4.28
C ASN A 99 -19.74 8.96 -3.98
N VAL A 100 -19.34 9.62 -2.90
CA VAL A 100 -17.88 9.74 -2.58
C VAL A 100 -17.33 8.34 -2.27
N MET A 101 -18.11 7.50 -1.59
CA MET A 101 -17.72 6.09 -1.24
C MET A 101 -17.43 5.27 -2.52
N GLY A 102 -18.22 5.46 -3.59
CA GLY A 102 -17.93 4.90 -4.92
C GLY A 102 -16.52 5.27 -5.38
N TRP A 103 -16.15 6.54 -5.28
CA TRP A 103 -14.83 7.03 -5.76
C TRP A 103 -13.68 6.48 -4.91
N CYS A 104 -13.94 6.14 -3.65
CA CYS A 104 -12.96 5.44 -2.77
C CYS A 104 -12.74 4.01 -3.27
N VAL A 105 -13.79 3.31 -3.74
CA VAL A 105 -13.67 1.95 -4.31
C VAL A 105 -12.94 2.02 -5.65
N GLU A 106 -13.22 3.06 -6.44
CA GLU A 106 -12.54 3.30 -7.74
C GLU A 106 -11.06 3.56 -7.50
N MET A 107 -10.74 4.35 -6.48
CA MET A 107 -9.35 4.62 -6.10
C MET A 107 -8.65 3.30 -5.76
N PHE A 108 -9.25 2.49 -4.87
CA PHE A 108 -8.71 1.16 -4.46
C PHE A 108 -8.39 0.30 -5.69
N HIS A 109 -9.31 0.25 -6.65
CA HIS A 109 -9.21 -0.46 -7.95
C HIS A 109 -8.01 0.07 -8.75
N THR A 110 -7.88 1.39 -8.88
CA THR A 110 -6.76 2.07 -9.57
C THR A 110 -5.45 1.68 -8.91
N HIS A 111 -5.42 1.67 -7.58
CA HIS A 111 -4.23 1.21 -6.80
C HIS A 111 -3.84 -0.18 -7.31
N GLN A 112 -4.83 -1.07 -7.39
CA GLN A 112 -4.63 -2.50 -7.75
C GLN A 112 -4.17 -2.58 -9.22
N LEU A 113 -4.85 -1.85 -10.11
CA LEU A 113 -4.54 -1.82 -11.57
C LEU A 113 -3.10 -1.37 -11.82
N LEU A 114 -2.63 -0.38 -11.07
CA LEU A 114 -1.33 0.29 -11.30
C LEU A 114 -0.17 -0.60 -10.81
N LEU A 115 -0.33 -1.28 -9.67
CA LEU A 115 0.67 -2.24 -9.13
C LEU A 115 0.83 -3.39 -10.15
N ASN A 116 -0.29 -3.89 -10.68
CA ASN A 116 -0.32 -5.01 -11.65
C ASN A 116 0.27 -4.56 -13.00
N ASP A 117 0.08 -3.30 -13.36
CA ASP A 117 0.65 -2.69 -14.59
C ASP A 117 2.16 -2.87 -14.62
N ILE A 118 2.83 -2.53 -13.51
CA ILE A 118 4.31 -2.59 -13.34
C ILE A 118 4.72 -4.07 -13.24
N MET A 119 3.97 -4.88 -12.51
CA MET A 119 4.30 -6.32 -12.29
C MET A 119 4.26 -7.05 -13.63
N GLU A 120 3.25 -6.83 -14.47
CA GLU A 120 2.99 -7.63 -15.70
C GLU A 120 3.52 -6.91 -16.96
N GLY A 121 4.12 -5.72 -16.82
CA GLY A 121 4.72 -4.99 -17.95
C GLY A 121 3.69 -4.43 -18.92
N THR A 122 2.48 -4.09 -18.46
CA THR A 122 1.39 -3.52 -19.29
C THR A 122 1.90 -2.25 -19.98
N THR A 123 1.51 -2.04 -21.25
CA THR A 123 2.02 -0.93 -22.10
C THR A 123 0.87 0.06 -22.31
N MET A 124 -0.34 -0.43 -22.60
CA MET A 124 -1.56 0.39 -22.87
C MET A 124 -2.75 -0.08 -22.00
N ARG A 125 -3.52 0.86 -21.47
CA ARG A 125 -4.71 0.58 -20.63
C ARG A 125 -5.63 1.81 -20.62
N ARG A 126 -6.95 1.60 -20.69
CA ARG A 126 -7.99 2.66 -20.77
C ARG A 126 -7.85 3.44 -22.10
N GLY A 127 -7.21 2.83 -23.10
CA GLY A 127 -7.01 3.40 -24.44
C GLY A 127 -5.94 4.50 -24.45
N VAL A 128 -5.10 4.53 -23.41
CA VAL A 128 -3.98 5.50 -23.20
C VAL A 128 -2.78 4.71 -22.70
N PRO A 129 -1.53 5.25 -22.81
CA PRO A 129 -0.35 4.58 -22.28
C PRO A 129 -0.39 4.45 -20.75
N CYS A 130 0.01 3.29 -20.22
CA CYS A 130 0.14 3.00 -18.77
C CYS A 130 0.97 4.11 -18.14
N TRP A 131 0.57 4.57 -16.95
CA TRP A 131 1.21 5.67 -16.19
C TRP A 131 2.73 5.44 -16.07
N HIS A 132 3.14 4.22 -15.78
CA HIS A 132 4.56 3.86 -15.49
C HIS A 132 5.42 3.92 -16.78
N ARG A 133 4.82 3.93 -17.97
CA ARG A 133 5.56 3.90 -19.26
C ARG A 133 6.06 5.31 -19.61
N ARG A 134 5.65 6.33 -18.84
CA ARG A 134 6.19 7.70 -18.97
C ARG A 134 7.68 7.71 -18.57
N PRO A 135 8.52 8.51 -19.27
CA PRO A 135 9.95 8.53 -19.00
C PRO A 135 10.34 8.83 -17.53
N ASP A 136 9.64 9.76 -16.88
CA ASP A 136 10.01 10.32 -15.54
C ASP A 136 9.37 9.50 -14.41
N VAL A 137 8.90 8.28 -14.70
CA VAL A 137 8.19 7.41 -13.71
C VAL A 137 8.92 6.06 -13.65
N GLY A 138 8.76 5.23 -14.68
CA GLY A 138 9.26 3.84 -14.64
C GLY A 138 8.88 3.18 -13.33
N LEU A 139 9.86 2.69 -12.57
CA LEU A 139 9.58 1.93 -11.32
C LEU A 139 9.08 2.87 -10.20
N ASN A 140 9.32 4.18 -10.31
CA ASN A 140 8.78 5.22 -9.38
C ASN A 140 7.25 5.24 -9.46
N GLY A 141 6.70 4.62 -10.51
CA GLY A 141 5.28 4.21 -10.59
C GLY A 141 4.78 3.59 -9.28
N ILE A 142 5.61 2.83 -8.57
CA ILE A 142 5.24 2.11 -7.32
C ILE A 142 4.86 3.15 -6.25
N ASN A 143 5.61 4.25 -6.16
CA ASN A 143 5.34 5.32 -5.16
C ASN A 143 4.06 6.04 -5.57
N ASP A 144 3.89 6.31 -6.86
CA ASP A 144 2.68 6.97 -7.42
C ASP A 144 1.43 6.17 -7.01
N ALA A 145 1.48 4.83 -7.00
CA ALA A 145 0.37 3.97 -6.53
C ALA A 145 0.14 4.20 -5.03
N ALA A 146 1.23 4.25 -4.26
CA ALA A 146 1.18 4.49 -2.80
C ALA A 146 0.52 5.85 -2.52
N LEU A 147 0.70 6.84 -3.41
CA LEU A 147 0.03 8.18 -3.29
C LEU A 147 -1.48 8.05 -3.50
N ILE A 148 -1.91 7.29 -4.52
CA ILE A 148 -3.35 7.04 -4.79
C ILE A 148 -4.00 6.34 -3.58
N GLN A 149 -3.34 5.32 -3.02
CA GLN A 149 -3.81 4.52 -1.86
C GLN A 149 -4.03 5.44 -0.66
N SER A 150 -3.13 6.40 -0.48
CA SER A 150 -3.13 7.32 0.68
C SER A 150 -4.23 8.37 0.51
N ALA A 151 -4.42 8.88 -0.71
CA ALA A 151 -5.50 9.82 -1.10
C ALA A 151 -6.86 9.19 -0.78
N MET A 152 -7.01 7.92 -1.14
CA MET A 152 -8.21 7.09 -0.80
C MET A 152 -8.48 7.17 0.70
N TYR A 153 -7.51 6.79 1.55
CA TYR A 153 -7.65 6.79 3.04
C TYR A 153 -7.82 8.22 3.58
N THR A 154 -7.16 9.22 3.00
CA THR A 154 -7.37 10.64 3.42
C THR A 154 -8.85 10.96 3.16
N SER A 155 -9.29 10.71 1.93
CA SER A 155 -10.66 10.99 1.43
C SER A 155 -11.66 10.23 2.31
N LEU A 156 -11.39 8.95 2.61
CA LEU A 156 -12.20 8.11 3.53
C LEU A 156 -12.35 8.83 4.89
N LYS A 157 -11.28 9.32 5.51
CA LYS A 157 -11.38 10.09 6.79
C LYS A 157 -12.14 11.43 6.68
N ARG A 158 -11.91 12.23 5.65
CA ARG A 158 -12.51 13.60 5.54
C ARG A 158 -14.02 13.56 5.38
N HIS A 159 -14.56 12.55 4.71
CA HIS A 159 -16.00 12.41 4.46
C HIS A 159 -16.68 11.59 5.59
N PHE A 160 -15.98 10.65 6.26
CA PHE A 160 -16.60 9.55 7.04
C PHE A 160 -16.13 9.43 8.52
N ASN A 161 -15.07 10.10 8.97
CA ASN A 161 -14.56 9.98 10.38
C ASN A 161 -15.67 10.21 11.42
N SER A 162 -16.69 11.04 11.16
CA SER A 162 -17.77 11.38 12.12
C SER A 162 -18.80 10.26 12.20
N LYS A 163 -18.76 9.30 11.27
CA LYS A 163 -19.82 8.27 11.13
C LYS A 163 -19.57 7.15 12.14
N PRO A 164 -20.62 6.51 12.69
CA PRO A 164 -20.44 5.41 13.62
C PRO A 164 -20.07 4.08 12.95
N TYR A 165 -20.09 4.04 11.61
CA TYR A 165 -19.74 2.85 10.78
C TYR A 165 -18.28 2.97 10.31
N TYR A 166 -17.60 4.03 10.76
CA TYR A 166 -16.31 4.48 10.19
C TYR A 166 -15.21 3.41 10.36
N ASN A 167 -15.17 2.71 11.50
CA ASN A 167 -14.14 1.68 11.80
C ASN A 167 -14.30 0.50 10.83
N TYR A 168 -15.54 0.09 10.53
CA TYR A 168 -15.90 -1.10 9.72
C TYR A 168 -15.57 -0.79 8.27
N VAL A 169 -15.63 0.49 7.90
CA VAL A 169 -15.30 0.96 6.53
C VAL A 169 -13.79 0.77 6.34
N LEU A 170 -13.00 1.23 7.32
CA LEU A 170 -11.52 1.11 7.27
C LEU A 170 -11.09 -0.36 7.35
N GLU A 171 -11.73 -1.13 8.22
CA GLU A 171 -11.50 -2.60 8.32
C GLU A 171 -11.75 -3.24 6.93
N THR A 172 -12.80 -2.86 6.19
CA THR A 172 -13.18 -3.53 4.93
C THR A 172 -12.19 -3.12 3.84
N PHE A 173 -11.78 -1.85 3.77
CA PHE A 173 -10.75 -1.42 2.79
C PHE A 173 -9.43 -2.13 3.08
N ASN A 174 -9.22 -2.51 4.34
CA ASN A 174 -7.99 -3.21 4.81
C ASN A 174 -8.10 -4.69 4.50
N GLU A 175 -9.19 -5.35 4.90
CA GLU A 175 -9.44 -6.80 4.62
C GLU A 175 -9.34 -7.02 3.11
N MET A 176 -9.88 -6.11 2.30
CA MET A 176 -9.92 -6.23 0.82
C MET A 176 -8.50 -6.17 0.23
N LEU A 177 -7.62 -5.35 0.80
CA LEU A 177 -6.20 -5.23 0.38
C LEU A 177 -5.47 -6.55 0.65
N MET A 178 -5.61 -7.11 1.85
CA MET A 178 -5.13 -8.47 2.21
C MET A 178 -5.61 -9.44 1.14
N LYS A 179 -6.91 -9.39 0.81
CA LYS A 179 -7.60 -10.44 0.03
C LYS A 179 -7.08 -10.42 -1.42
N CYS A 180 -6.89 -9.24 -1.99
CA CYS A 180 -6.33 -9.09 -3.37
C CYS A 180 -4.90 -9.65 -3.42
N SER A 181 -4.12 -9.36 -2.38
CA SER A 181 -2.66 -9.56 -2.30
C SER A 181 -2.33 -11.05 -2.14
N MET A 182 -3.10 -11.78 -1.33
CA MET A 182 -3.04 -13.26 -1.30
C MET A 182 -3.47 -13.78 -2.68
N GLY A 183 -4.41 -13.08 -3.31
CA GLY A 183 -4.99 -13.44 -4.62
C GLY A 183 -3.96 -13.39 -5.74
N HIS A 184 -3.02 -12.44 -5.67
CA HIS A 184 -1.94 -12.25 -6.66
C HIS A 184 -0.86 -13.31 -6.48
N TYR A 185 -0.63 -13.74 -5.23
CA TYR A 185 0.44 -14.71 -4.88
C TYR A 185 0.05 -16.08 -5.45
N VAL A 186 -1.18 -16.53 -5.16
CA VAL A 186 -1.71 -17.84 -5.62
C VAL A 186 -1.65 -17.88 -7.16
N GLN A 187 -1.92 -16.74 -7.82
CA GLN A 187 -1.86 -16.62 -9.29
C GLN A 187 -0.42 -16.79 -9.80
N LYS A 188 0.58 -16.27 -9.10
CA LYS A 188 1.98 -16.28 -9.60
C LYS A 188 2.56 -17.70 -9.54
N LEU A 189 2.06 -18.52 -8.62
CA LEU A 189 2.46 -19.95 -8.50
C LEU A 189 2.19 -20.69 -9.82
N MET A 190 1.29 -20.14 -10.64
CA MET A 190 0.74 -20.79 -11.85
C MET A 190 1.68 -20.60 -13.04
N LEU A 191 2.72 -19.79 -12.86
CA LEU A 191 3.77 -19.58 -13.89
C LEU A 191 5.13 -19.97 -13.31
N LYS A 192 5.49 -21.24 -13.46
CA LYS A 192 6.85 -21.71 -13.10
C LYS A 192 7.63 -21.82 -14.41
N THR A 193 8.70 -21.04 -14.60
CA THR A 193 9.58 -21.12 -15.79
C THR A 193 9.00 -20.28 -16.94
N ASP A 194 8.36 -19.15 -16.62
CA ASP A 194 7.75 -18.31 -17.68
C ASP A 194 6.92 -19.22 -18.60
N LYS A 195 6.49 -20.35 -18.06
CA LYS A 195 5.69 -21.31 -18.83
C LYS A 195 4.58 -21.70 -17.85
N PRO A 196 3.31 -21.98 -18.24
CA PRO A 196 2.34 -22.34 -17.21
C PRO A 196 2.60 -23.70 -16.57
N ASP A 197 2.37 -23.81 -15.26
CA ASP A 197 2.42 -25.07 -14.47
C ASP A 197 1.04 -25.73 -14.51
N LEU A 198 0.83 -26.67 -15.44
CA LEU A 198 -0.52 -27.21 -15.75
C LEU A 198 -1.03 -28.09 -14.61
N SER A 199 -0.16 -28.68 -13.79
CA SER A 199 -0.51 -29.50 -12.60
C SER A 199 -1.36 -28.69 -11.61
N LEU A 200 -1.24 -27.37 -11.59
CA LEU A 200 -2.00 -26.50 -10.64
C LEU A 200 -3.31 -26.01 -11.26
N PHE A 201 -3.60 -26.37 -12.51
CA PHE A 201 -4.78 -25.87 -13.26
C PHE A 201 -6.00 -26.69 -12.87
N THR A 202 -6.41 -26.61 -11.60
CA THR A 202 -7.60 -27.28 -11.03
C THR A 202 -8.70 -26.26 -10.75
N MET A 203 -9.94 -26.74 -10.56
CA MET A 203 -11.15 -25.90 -10.35
C MET A 203 -11.11 -25.32 -8.94
N GLU A 204 -10.45 -25.96 -7.97
CA GLU A 204 -10.30 -25.41 -6.59
C GLU A 204 -9.38 -24.19 -6.65
N LYS A 205 -8.33 -24.27 -7.49
CA LYS A 205 -7.23 -23.26 -7.57
C LYS A 205 -7.73 -22.03 -8.37
N TYR A 206 -8.53 -22.23 -9.41
CA TYR A 206 -9.13 -21.17 -10.25
C TYR A 206 -10.25 -20.45 -9.48
N GLU A 207 -11.12 -21.20 -8.81
CA GLU A 207 -12.17 -20.67 -7.92
C GLU A 207 -11.53 -19.78 -6.85
N ALA A 208 -10.36 -20.15 -6.31
CA ALA A 208 -9.68 -19.42 -5.22
C ALA A 208 -8.98 -18.15 -5.75
N ILE A 209 -8.16 -18.25 -6.81
CA ILE A 209 -7.61 -17.07 -7.53
C ILE A 209 -8.75 -16.08 -7.80
N THR A 210 -9.80 -16.53 -8.49
CA THR A 210 -10.96 -15.70 -8.92
C THR A 210 -11.59 -14.99 -7.73
N LYS A 211 -11.85 -15.71 -6.63
CA LYS A 211 -12.46 -15.20 -5.37
C LYS A 211 -11.58 -14.10 -4.78
N TYR A 212 -10.33 -14.41 -4.49
CA TYR A 212 -9.42 -13.54 -3.69
C TYR A 212 -9.09 -12.31 -4.53
N LYS A 213 -8.59 -12.52 -5.74
CA LYS A 213 -8.03 -11.47 -6.63
C LYS A 213 -9.16 -10.58 -7.18
N THR A 214 -10.36 -11.10 -7.46
CA THR A 214 -11.38 -10.33 -8.22
C THR A 214 -12.68 -10.17 -7.41
N SER A 215 -13.31 -11.27 -6.98
CA SER A 215 -14.73 -11.27 -6.54
C SER A 215 -14.91 -10.43 -5.26
N TYR A 216 -14.09 -10.64 -4.24
CA TYR A 216 -14.18 -9.87 -2.98
C TYR A 216 -14.39 -8.37 -3.26
N TYR A 217 -13.46 -7.72 -3.96
CA TYR A 217 -13.45 -6.24 -4.09
C TYR A 217 -14.35 -5.78 -5.25
N THR A 218 -14.70 -6.66 -6.19
CA THR A 218 -15.48 -6.26 -7.39
C THR A 218 -16.98 -6.38 -7.10
N PHE A 219 -17.41 -7.37 -6.31
CA PHE A 219 -18.83 -7.73 -6.14
C PHE A 219 -19.24 -7.51 -4.67
N GLN A 220 -18.49 -8.03 -3.68
CA GLN A 220 -18.86 -7.86 -2.25
C GLN A 220 -18.60 -6.42 -1.76
N MET A 221 -17.36 -5.94 -1.87
CA MET A 221 -16.98 -4.63 -1.27
C MET A 221 -18.10 -3.62 -1.52
N PRO A 222 -18.52 -3.34 -2.78
CA PRO A 222 -19.50 -2.29 -3.04
C PRO A 222 -20.77 -2.42 -2.19
N VAL A 223 -21.22 -3.64 -2.00
CA VAL A 223 -22.52 -3.97 -1.35
C VAL A 223 -22.36 -3.95 0.17
N SER A 224 -21.23 -4.43 0.71
CA SER A 224 -20.98 -4.43 2.18
C SER A 224 -20.69 -2.99 2.66
N LEU A 225 -20.22 -2.10 1.78
CA LEU A 225 -19.97 -0.68 2.12
C LEU A 225 -21.31 0.05 2.19
N ALA A 226 -22.17 -0.16 1.18
CA ALA A 226 -23.53 0.40 1.09
C ALA A 226 -24.34 -0.08 2.30
N LEU A 227 -24.15 -1.34 2.69
CA LEU A 227 -24.82 -1.93 3.88
C LEU A 227 -24.39 -1.17 5.14
N LEU A 228 -23.08 -1.05 5.35
CA LEU A 228 -22.49 -0.25 6.45
C LEU A 228 -23.06 1.18 6.43
N MET A 229 -23.00 1.90 5.29
CA MET A 229 -23.45 3.31 5.20
C MET A 229 -24.92 3.43 5.64
N THR A 230 -25.61 2.29 5.73
CA THR A 230 -27.06 2.16 6.03
C THR A 230 -27.24 1.83 7.52
N GLY A 231 -26.14 1.84 8.29
CA GLY A 231 -26.08 1.35 9.69
C GLY A 231 -26.36 -0.14 9.83
N VAL A 232 -26.32 -0.94 8.76
CA VAL A 232 -26.50 -2.40 8.89
C VAL A 232 -25.12 -3.03 8.98
N ASP A 233 -24.80 -3.60 10.15
CA ASP A 233 -23.51 -4.26 10.44
C ASP A 233 -23.79 -5.65 11.02
N ASP A 234 -24.99 -6.20 10.82
CA ASP A 234 -25.36 -7.56 11.28
C ASP A 234 -24.47 -8.56 10.56
N PRO A 235 -23.68 -9.39 11.30
CA PRO A 235 -22.71 -10.31 10.70
C PRO A 235 -23.33 -11.34 9.74
N GLU A 236 -24.54 -11.80 10.05
CA GLU A 236 -25.26 -12.85 9.26
C GLU A 236 -25.82 -12.20 7.99
N THR A 237 -26.32 -10.97 8.07
CA THR A 237 -26.76 -10.17 6.89
C THR A 237 -25.60 -10.03 5.88
N HIS A 238 -24.38 -9.83 6.39
CA HIS A 238 -23.17 -9.62 5.56
C HIS A 238 -22.81 -10.95 4.87
N ARG A 239 -22.76 -12.06 5.62
CA ARG A 239 -22.44 -13.43 5.10
C ARG A 239 -23.42 -13.79 3.99
N GLN A 240 -24.71 -13.72 4.32
CA GLN A 240 -25.84 -13.99 3.39
C GLN A 240 -25.52 -13.33 2.03
N ALA A 241 -25.23 -12.02 2.04
CA ALA A 241 -24.98 -11.17 0.84
C ALA A 241 -23.76 -11.66 0.06
N LYS A 242 -22.64 -11.79 0.79
CA LYS A 242 -21.31 -12.23 0.32
C LYS A 242 -21.44 -13.59 -0.37
N THR A 243 -22.23 -14.50 0.22
CA THR A 243 -22.37 -15.91 -0.22
C THR A 243 -22.82 -15.90 -1.68
N ILE A 244 -23.88 -15.14 -1.97
CA ILE A 244 -24.49 -15.04 -3.33
C ILE A 244 -23.52 -14.29 -4.26
N LEU A 245 -23.02 -13.14 -3.79
CA LEU A 245 -22.25 -12.18 -4.61
C LEU A 245 -20.94 -12.80 -5.07
N LEU A 246 -20.33 -13.69 -4.27
CA LEU A 246 -19.07 -14.39 -4.65
C LEU A 246 -19.36 -15.38 -5.76
N LYS A 247 -20.47 -16.10 -5.68
CA LYS A 247 -20.90 -17.00 -6.77
C LYS A 247 -20.98 -16.17 -8.06
N MET A 248 -21.88 -15.17 -8.03
CA MET A 248 -22.06 -14.13 -9.08
C MET A 248 -20.71 -13.66 -9.64
N GLY A 249 -19.74 -13.41 -8.74
CA GLY A 249 -18.35 -13.00 -9.06
C GLY A 249 -17.64 -14.05 -9.91
N GLU A 250 -17.82 -15.32 -9.57
CA GLU A 250 -17.27 -16.49 -10.31
C GLU A 250 -17.92 -16.57 -11.69
N PHE A 251 -19.23 -16.38 -11.77
CA PHE A 251 -20.00 -16.47 -13.04
C PHE A 251 -19.39 -15.44 -14.01
N PHE A 252 -19.35 -14.18 -13.59
CA PHE A 252 -18.78 -13.07 -14.38
C PHE A 252 -17.43 -13.47 -14.96
N GLN A 253 -16.61 -14.14 -14.14
CA GLN A 253 -15.21 -14.45 -14.52
C GLN A 253 -15.25 -15.54 -15.60
N ILE A 254 -16.04 -16.60 -15.41
CA ILE A 254 -16.17 -17.71 -16.41
C ILE A 254 -16.59 -17.11 -17.75
N GLN A 255 -17.65 -16.31 -17.76
CA GLN A 255 -18.17 -15.67 -18.99
C GLN A 255 -17.06 -14.81 -19.62
N ASP A 256 -16.34 -14.06 -18.77
CA ASP A 256 -15.19 -13.23 -19.21
C ASP A 256 -14.22 -14.17 -19.93
N ASP A 257 -13.87 -15.30 -19.28
CA ASP A 257 -12.99 -16.38 -19.81
C ASP A 257 -13.44 -16.82 -21.20
N PHE A 258 -14.75 -17.02 -21.42
CA PHE A 258 -15.32 -17.61 -22.65
C PHE A 258 -15.43 -16.57 -23.79
N LEU A 259 -15.40 -15.28 -23.49
CA LEU A 259 -15.42 -14.24 -24.54
C LEU A 259 -13.98 -13.84 -24.89
N ASP A 260 -13.05 -13.89 -23.92
CA ASP A 260 -11.61 -13.76 -24.26
C ASP A 260 -11.34 -14.70 -25.44
N CYS A 261 -11.68 -15.98 -25.34
CA CYS A 261 -11.27 -17.02 -26.32
C CYS A 261 -12.23 -17.07 -27.51
N PHE A 262 -13.52 -17.24 -27.27
CA PHE A 262 -14.56 -17.38 -28.33
C PHE A 262 -15.28 -16.05 -28.49
N GLY A 263 -14.58 -14.95 -28.17
CA GLY A 263 -15.09 -13.57 -28.26
C GLY A 263 -15.35 -13.17 -29.69
N ASP A 264 -16.13 -12.11 -29.87
CA ASP A 264 -16.54 -11.57 -31.21
C ASP A 264 -15.99 -10.15 -31.32
N PRO A 265 -14.77 -9.98 -31.89
CA PRO A 265 -13.97 -8.76 -31.68
C PRO A 265 -14.57 -7.53 -32.39
N GLY A 272 -8.44 -10.95 -27.25
CA GLY A 272 -8.11 -11.55 -25.94
C GLY A 272 -6.90 -12.47 -26.02
N THR A 273 -5.97 -12.25 -25.09
CA THR A 273 -4.64 -12.87 -25.13
C THR A 273 -4.49 -13.97 -24.08
N ASP A 274 -5.52 -14.20 -23.30
CA ASP A 274 -5.45 -15.34 -22.37
C ASP A 274 -5.28 -16.53 -23.28
N ILE A 275 -4.23 -17.34 -23.12
CA ILE A 275 -3.87 -18.53 -23.95
C ILE A 275 -2.42 -18.35 -24.34
N GLN A 276 -2.11 -17.34 -25.16
CA GLN A 276 -0.71 -17.03 -25.53
C GLN A 276 -0.03 -16.53 -24.26
N ASP A 277 -0.84 -16.29 -23.25
CA ASP A 277 -0.31 -15.76 -21.96
C ASP A 277 -0.23 -16.86 -20.89
N GLY A 278 -0.81 -18.04 -21.15
CA GLY A 278 -0.77 -19.19 -20.24
C GLY A 278 -1.56 -18.91 -18.97
N LYS A 279 -2.62 -18.11 -19.08
CA LYS A 279 -3.47 -17.67 -17.94
C LYS A 279 -4.30 -18.84 -17.44
N CYS A 280 -4.58 -18.88 -16.14
CA CYS A 280 -5.54 -19.83 -15.54
C CYS A 280 -6.95 -19.35 -15.91
N THR A 281 -7.58 -20.07 -16.85
CA THR A 281 -8.93 -19.83 -17.40
C THR A 281 -9.83 -21.01 -17.04
N TRP A 282 -11.14 -20.80 -17.04
CA TRP A 282 -12.15 -21.86 -16.83
C TRP A 282 -12.00 -22.93 -17.93
N LEU A 283 -11.82 -22.48 -19.17
CA LEU A 283 -11.60 -23.30 -20.39
C LEU A 283 -10.42 -24.26 -20.23
N ALA A 284 -9.28 -23.80 -19.72
CA ALA A 284 -8.04 -24.61 -19.60
C ALA A 284 -8.22 -25.62 -18.46
N VAL A 285 -8.98 -25.24 -17.43
CA VAL A 285 -9.28 -26.11 -16.25
C VAL A 285 -10.24 -27.21 -16.71
N VAL A 286 -11.26 -26.86 -17.49
CA VAL A 286 -12.31 -27.82 -17.93
C VAL A 286 -11.75 -28.65 -19.08
N ALA A 287 -10.93 -28.09 -19.96
CA ALA A 287 -10.23 -28.85 -21.03
C ALA A 287 -9.36 -29.95 -20.41
N LEU A 288 -8.74 -29.70 -19.25
CA LEU A 288 -7.78 -30.66 -18.61
C LEU A 288 -8.56 -31.79 -17.93
N GLN A 289 -9.73 -31.47 -17.37
CA GLN A 289 -10.66 -32.45 -16.76
C GLN A 289 -11.09 -33.47 -17.82
N ARG A 290 -11.24 -33.07 -19.08
CA ARG A 290 -11.85 -33.91 -20.15
C ARG A 290 -10.84 -34.46 -21.16
N ALA A 291 -9.56 -34.14 -21.04
CA ALA A 291 -8.53 -34.44 -22.07
C ALA A 291 -7.97 -35.85 -21.88
N THR A 292 -7.79 -36.57 -22.99
CA THR A 292 -7.03 -37.85 -23.11
C THR A 292 -5.55 -37.57 -22.84
N PRO A 293 -4.74 -38.51 -22.31
CA PRO A 293 -3.31 -38.24 -22.12
C PRO A 293 -2.66 -37.59 -23.38
N ALA A 294 -3.17 -37.92 -24.57
CA ALA A 294 -2.75 -37.32 -25.86
C ALA A 294 -3.17 -35.85 -25.94
N GLN A 295 -4.40 -35.52 -25.54
CA GLN A 295 -4.91 -34.13 -25.53
C GLN A 295 -4.26 -33.31 -24.41
N LYS A 296 -3.78 -33.94 -23.32
CA LYS A 296 -2.96 -33.26 -22.29
C LYS A 296 -1.64 -32.80 -22.93
N GLN A 297 -1.00 -33.66 -23.74
CA GLN A 297 0.35 -33.43 -24.34
C GLN A 297 0.37 -32.21 -25.26
N ILE A 298 -0.68 -32.02 -26.07
CA ILE A 298 -0.86 -30.86 -26.99
C ILE A 298 -0.95 -29.56 -26.17
N MET A 299 -1.59 -29.64 -25.00
CA MET A 299 -1.81 -28.50 -24.07
C MET A 299 -0.48 -28.07 -23.47
N GLU A 300 0.29 -29.03 -22.93
CA GLU A 300 1.68 -28.82 -22.46
C GLU A 300 2.45 -28.07 -23.58
N ASP A 301 2.33 -28.54 -24.82
CA ASP A 301 3.20 -28.12 -25.96
C ASP A 301 2.76 -26.76 -26.51
N ASN A 302 1.51 -26.34 -26.28
CA ASN A 302 0.91 -25.23 -27.07
C ASN A 302 0.33 -24.12 -26.20
N TYR A 303 0.11 -24.35 -24.90
CA TYR A 303 -0.50 -23.33 -24.02
C TYR A 303 0.59 -22.37 -23.52
N GLY A 304 0.22 -21.10 -23.35
CA GLY A 304 1.12 -19.99 -23.01
C GLY A 304 2.27 -19.89 -23.99
N VAL A 305 2.01 -20.01 -25.29
CA VAL A 305 3.03 -19.79 -26.37
C VAL A 305 2.46 -18.74 -27.34
N ASN A 306 3.22 -17.68 -27.56
CA ASN A 306 2.79 -16.48 -28.34
C ASN A 306 3.09 -16.70 -29.83
N LYS A 307 2.39 -17.63 -30.45
CA LYS A 307 2.46 -17.87 -31.92
C LYS A 307 1.04 -18.09 -32.42
N PRO A 308 0.65 -17.55 -33.59
CA PRO A 308 -0.67 -17.84 -34.15
C PRO A 308 -0.99 -19.34 -34.20
N GLU A 309 0.03 -20.18 -34.44
CA GLU A 309 -0.11 -21.65 -34.64
C GLU A 309 -0.51 -22.29 -33.32
N ALA A 310 0.30 -22.11 -32.29
CA ALA A 310 0.07 -22.63 -30.91
C ALA A 310 -1.33 -22.21 -30.42
N ILE A 311 -1.70 -20.93 -30.59
CA ILE A 311 -2.99 -20.35 -30.14
C ILE A 311 -4.14 -20.97 -30.95
N ALA A 312 -3.91 -21.27 -32.24
CA ALA A 312 -4.92 -21.84 -33.16
C ALA A 312 -5.18 -23.30 -32.80
N ARG A 313 -4.13 -24.02 -32.40
CA ARG A 313 -4.16 -25.45 -32.05
C ARG A 313 -4.96 -25.62 -30.75
N ILE A 314 -4.65 -24.79 -29.76
CA ILE A 314 -5.35 -24.76 -28.44
C ILE A 314 -6.85 -24.56 -28.69
N LYS A 315 -7.23 -23.79 -29.71
CA LYS A 315 -8.64 -23.40 -29.98
C LYS A 315 -9.38 -24.53 -30.70
N ASP A 316 -8.71 -25.21 -31.66
CA ASP A 316 -9.26 -26.41 -32.35
C ASP A 316 -9.62 -27.45 -31.27
N LEU A 317 -8.69 -27.69 -30.32
CA LEU A 317 -8.81 -28.66 -29.20
C LEU A 317 -9.98 -28.25 -28.28
N TYR A 318 -10.15 -26.94 -28.05
CA TYR A 318 -11.24 -26.38 -27.20
C TYR A 318 -12.60 -26.73 -27.82
N GLU A 319 -12.72 -26.63 -29.15
CA GLU A 319 -13.95 -27.00 -29.91
C GLU A 319 -14.08 -28.53 -30.01
N GLU A 320 -12.98 -29.27 -29.90
CA GLU A 320 -12.94 -30.74 -30.03
C GLU A 320 -13.46 -31.37 -28.74
N LEU A 321 -13.10 -30.80 -27.58
CA LEU A 321 -13.56 -31.26 -26.25
C LEU A 321 -14.94 -30.68 -25.94
N GLN A 322 -15.51 -29.92 -26.89
CA GLN A 322 -16.93 -29.48 -26.92
C GLN A 322 -17.17 -28.46 -25.81
N LEU A 323 -16.23 -27.56 -25.60
CA LEU A 323 -16.31 -26.54 -24.51
C LEU A 323 -17.46 -25.57 -24.78
N PRO A 324 -17.62 -25.00 -26.00
CA PRO A 324 -18.72 -24.09 -26.31
C PRO A 324 -20.11 -24.62 -25.90
N HIS A 325 -20.38 -25.89 -26.18
CA HIS A 325 -21.61 -26.59 -25.73
C HIS A 325 -21.56 -26.66 -24.20
N THR A 326 -20.47 -27.22 -23.65
CA THR A 326 -20.34 -27.49 -22.20
C THR A 326 -20.67 -26.22 -21.41
N TYR A 327 -20.12 -25.09 -21.86
CA TYR A 327 -20.30 -23.76 -21.24
C TYR A 327 -21.76 -23.32 -21.37
N SER A 328 -22.30 -23.43 -22.59
CA SER A 328 -23.70 -23.06 -22.89
C SER A 328 -24.61 -23.70 -21.85
N VAL A 329 -24.36 -24.98 -21.57
CA VAL A 329 -25.17 -25.77 -20.60
C VAL A 329 -24.91 -25.18 -19.20
N PHE A 330 -23.62 -24.98 -18.86
CA PHE A 330 -23.18 -24.33 -17.58
C PHE A 330 -23.93 -23.01 -17.38
N GLU A 331 -23.90 -22.13 -18.38
CA GLU A 331 -24.56 -20.79 -18.36
C GLU A 331 -26.03 -20.95 -17.97
N GLU A 332 -26.79 -21.73 -18.75
CA GLU A 332 -28.26 -21.89 -18.62
C GLU A 332 -28.60 -22.33 -17.18
N THR A 333 -27.88 -23.33 -16.68
CA THR A 333 -28.09 -24.01 -15.37
C THR A 333 -27.71 -23.07 -14.23
N THR A 334 -26.46 -22.60 -14.22
CA THR A 334 -25.95 -21.72 -13.15
C THR A 334 -26.91 -20.53 -13.00
N TYR A 335 -27.48 -20.04 -14.11
CA TYR A 335 -28.41 -18.90 -14.08
C TYR A 335 -29.59 -19.21 -13.16
N ASP A 336 -30.11 -20.43 -13.25
CA ASP A 336 -31.37 -20.87 -12.59
C ASP A 336 -31.08 -21.17 -11.12
N LEU A 337 -29.90 -21.77 -10.86
CA LEU A 337 -29.39 -22.02 -9.49
C LEU A 337 -29.35 -20.69 -8.71
N LEU A 338 -28.74 -19.65 -9.29
CA LEU A 338 -28.49 -18.35 -8.60
C LEU A 338 -29.82 -17.61 -8.42
N ARG A 339 -30.73 -17.73 -9.40
CA ARG A 339 -32.12 -17.21 -9.34
C ARG A 339 -32.79 -17.79 -8.09
N THR A 340 -32.84 -19.12 -8.02
CA THR A 340 -33.38 -19.93 -6.89
C THR A 340 -32.69 -19.52 -5.59
N GLN A 341 -31.37 -19.35 -5.60
CA GLN A 341 -30.61 -18.94 -4.40
C GLN A 341 -30.92 -17.50 -3.99
N ILE A 342 -31.12 -16.57 -4.94
CA ILE A 342 -31.55 -15.17 -4.62
C ILE A 342 -32.80 -15.25 -3.76
N GLN A 343 -33.85 -15.92 -4.27
CA GLN A 343 -35.20 -15.80 -3.68
C GLN A 343 -35.19 -16.43 -2.29
N GLN A 344 -34.18 -17.24 -1.97
CA GLN A 344 -34.04 -17.89 -0.63
C GLN A 344 -33.22 -17.01 0.31
N VAL A 345 -32.91 -15.77 -0.08
CA VAL A 345 -32.17 -14.77 0.77
C VAL A 345 -33.19 -14.03 1.64
N THR A 346 -32.78 -13.69 2.87
CA THR A 346 -33.68 -13.03 3.86
C THR A 346 -32.93 -11.94 4.62
N ARG A 347 -33.27 -11.71 5.90
CA ARG A 347 -32.67 -10.67 6.78
C ARG A 347 -32.96 -9.26 6.21
N GLY A 348 -34.05 -9.12 5.47
CA GLY A 348 -34.55 -7.80 5.02
C GLY A 348 -33.95 -7.36 3.69
N LEU A 349 -32.88 -8.03 3.21
CA LEU A 349 -32.18 -7.66 1.95
C LEU A 349 -33.14 -7.68 0.77
N PRO A 350 -33.14 -6.66 -0.12
CA PRO A 350 -33.96 -6.68 -1.32
C PRO A 350 -33.41 -7.66 -2.36
N HIS A 351 -34.26 -8.57 -2.84
CA HIS A 351 -33.98 -9.53 -3.93
C HIS A 351 -33.67 -8.77 -5.23
N GLU A 352 -34.45 -7.71 -5.49
CA GLU A 352 -34.42 -6.92 -6.75
C GLU A 352 -33.03 -6.31 -6.96
N LEU A 353 -32.17 -6.30 -5.93
CA LEU A 353 -30.76 -5.83 -6.02
C LEU A 353 -29.86 -6.91 -6.62
N PHE A 354 -29.93 -8.13 -6.08
CA PHE A 354 -29.19 -9.33 -6.56
C PHE A 354 -29.70 -9.76 -7.95
N PHE A 355 -31.02 -9.73 -8.17
CA PHE A 355 -31.62 -10.08 -9.49
C PHE A 355 -31.06 -9.16 -10.56
N LYS A 356 -30.77 -7.91 -10.16
CA LYS A 356 -30.33 -6.81 -11.08
C LYS A 356 -28.86 -6.97 -11.43
N ILE A 357 -28.03 -7.36 -10.44
CA ILE A 357 -26.57 -7.71 -10.60
C ILE A 357 -26.43 -8.98 -11.46
N LEU A 358 -27.27 -9.99 -11.25
CA LEU A 358 -27.32 -11.23 -12.06
C LEU A 358 -27.66 -10.86 -13.50
N ASP A 359 -28.75 -10.11 -13.70
CA ASP A 359 -29.32 -9.85 -15.04
C ASP A 359 -28.37 -8.95 -15.84
N ASN A 360 -27.50 -8.19 -15.17
CA ASN A 360 -26.58 -7.24 -15.88
C ASN A 360 -25.32 -7.99 -16.30
N ILE A 361 -24.77 -8.85 -15.42
CA ILE A 361 -23.56 -9.68 -15.72
C ILE A 361 -23.97 -10.91 -16.54
N PHE A 362 -24.98 -10.79 -17.39
CA PHE A 362 -25.54 -11.90 -18.20
C PHE A 362 -25.85 -11.39 -19.62
N ARG A 363 -25.01 -10.50 -20.16
CA ARG A 363 -25.26 -9.72 -21.39
C ARG A 363 -24.01 -9.73 -22.30
N ASN B 17 25.97 4.16 32.49
CA ASN B 17 25.76 3.36 31.23
C ASN B 17 26.01 1.88 31.51
N LEU B 18 25.38 1.34 32.55
CA LEU B 18 25.35 -0.13 32.80
C LEU B 18 23.90 -0.56 32.97
N TYR B 19 23.13 0.19 33.77
CA TYR B 19 21.68 0.02 33.93
C TYR B 19 21.03 0.21 32.57
N PHE B 20 21.29 1.33 31.87
CA PHE B 20 20.74 1.57 30.50
C PHE B 20 21.14 0.39 29.61
N GLN B 21 22.36 -0.14 29.72
CA GLN B 21 22.84 -1.22 28.83
C GLN B 21 22.15 -2.54 29.16
N SER B 22 21.76 -2.74 30.42
CA SER B 22 21.16 -4.00 30.93
C SER B 22 19.64 -4.01 30.69
N MET B 23 18.97 -2.89 31.00
CA MET B 23 17.52 -2.70 30.76
C MET B 23 17.27 -2.72 29.25
N SER B 24 18.16 -2.10 28.47
CA SER B 24 18.10 -2.12 26.98
C SER B 24 18.35 -3.53 26.46
N LYS B 25 19.17 -4.36 27.12
CA LYS B 25 19.41 -5.78 26.74
C LYS B 25 18.11 -6.59 26.92
N ASP B 26 17.37 -6.39 28.00
CA ASP B 26 16.17 -7.24 28.32
C ASP B 26 14.91 -6.64 27.68
N GLN B 27 14.86 -5.32 27.46
CA GLN B 27 13.78 -4.66 26.68
C GLN B 27 13.78 -5.25 25.26
N SER B 28 14.95 -5.30 24.62
CA SER B 28 15.14 -5.83 23.24
C SER B 28 14.74 -7.31 23.20
N ARG B 29 14.93 -7.98 24.34
CA ARG B 29 14.76 -9.44 24.52
C ARG B 29 13.26 -9.75 24.68
N GLU B 30 12.57 -8.93 25.48
CA GLU B 30 11.10 -9.01 25.71
C GLU B 30 10.36 -8.78 24.38
N PHE B 31 10.81 -7.80 23.59
CA PHE B 31 10.23 -7.37 22.30
C PHE B 31 10.40 -8.51 21.30
N MET B 32 11.62 -9.03 21.12
CA MET B 32 11.93 -10.13 20.16
C MET B 32 11.07 -11.37 20.48
N ALA B 33 10.63 -11.53 21.73
CA ALA B 33 9.88 -12.72 22.23
C ALA B 33 8.42 -12.64 21.84
N VAL B 34 7.94 -11.47 21.38
CA VAL B 34 6.53 -11.27 20.98
C VAL B 34 6.38 -11.60 19.49
N PHE B 35 7.42 -11.36 18.69
CA PHE B 35 7.34 -11.47 17.22
C PHE B 35 6.71 -12.82 16.83
N PRO B 36 7.22 -13.99 17.28
CA PRO B 36 6.72 -15.28 16.79
C PRO B 36 5.20 -15.42 16.97
N ASP B 37 4.66 -14.93 18.10
CA ASP B 37 3.21 -14.98 18.40
C ASP B 37 2.45 -14.01 17.50
N ILE B 38 3.09 -12.97 16.96
CA ILE B 38 2.45 -12.09 15.92
C ILE B 38 2.29 -12.88 14.61
N VAL B 39 3.32 -13.64 14.19
CA VAL B 39 3.33 -14.46 12.93
C VAL B 39 2.28 -15.58 13.05
N ARG B 40 2.31 -16.32 14.16
CA ARG B 40 1.46 -17.52 14.40
C ARG B 40 -0.02 -17.12 14.41
N ASP B 41 -0.34 -15.88 14.82
CA ASP B 41 -1.73 -15.38 14.89
C ASP B 41 -2.24 -14.99 13.49
N LEU B 42 -1.34 -14.65 12.55
CA LEU B 42 -1.65 -14.38 11.11
C LEU B 42 -1.68 -15.69 10.33
N THR B 43 -1.37 -16.85 10.94
CA THR B 43 -1.33 -18.18 10.30
C THR B 43 -1.94 -19.27 11.22
N GLU B 44 -3.26 -19.23 11.43
CA GLU B 44 -4.01 -20.28 12.18
C GLU B 44 -5.50 -20.21 11.82
N ILE B 49 -8.56 -20.31 4.43
CA ILE B 49 -8.71 -21.79 4.31
C ILE B 49 -8.69 -22.23 2.84
N ASP B 50 -9.25 -21.45 1.90
CA ASP B 50 -9.19 -21.73 0.44
C ASP B 50 -7.75 -21.70 -0.08
N VAL B 51 -6.90 -20.87 0.55
CA VAL B 51 -5.51 -20.58 0.06
C VAL B 51 -4.53 -20.77 1.20
N PRO B 52 -4.35 -22.00 1.73
CA PRO B 52 -3.37 -22.24 2.81
C PRO B 52 -1.91 -21.91 2.46
N GLU B 53 -1.52 -22.04 1.17
CA GLU B 53 -0.18 -21.72 0.62
C GLU B 53 0.15 -20.21 0.79
N ALA B 54 -0.86 -19.34 0.79
CA ALA B 54 -0.71 -17.86 0.94
C ALA B 54 -0.33 -17.54 2.38
N SER B 55 -0.87 -18.28 3.36
CA SER B 55 -0.58 -18.16 4.81
C SER B 55 0.84 -18.62 5.10
N LYS B 56 1.31 -19.68 4.44
CA LYS B 56 2.70 -20.20 4.57
C LYS B 56 3.68 -19.16 4.02
N TRP B 57 3.37 -18.55 2.87
CA TRP B 57 4.18 -17.48 2.22
C TRP B 57 4.31 -16.26 3.13
N LEU B 58 3.19 -15.78 3.69
CA LEU B 58 3.13 -14.61 4.62
C LEU B 58 4.07 -14.84 5.81
N ALA B 59 4.13 -16.05 6.35
CA ALA B 59 5.09 -16.42 7.43
C ALA B 59 6.52 -16.27 6.92
N LYS B 60 6.94 -17.05 5.91
CA LYS B 60 8.30 -16.97 5.30
C LYS B 60 8.70 -15.51 5.17
N LEU B 61 7.75 -14.71 4.67
CA LEU B 61 7.89 -13.32 4.18
C LEU B 61 8.05 -12.35 5.35
N LEU B 62 7.38 -12.59 6.47
CA LEU B 62 7.55 -11.78 7.70
C LEU B 62 8.89 -12.15 8.34
N GLN B 63 9.21 -13.44 8.31
CA GLN B 63 10.36 -14.03 9.04
C GLN B 63 11.68 -13.46 8.50
N TYR B 64 11.76 -13.17 7.19
CA TYR B 64 12.99 -12.70 6.49
C TYR B 64 13.10 -11.17 6.52
N ASN B 65 11.99 -10.44 6.59
CA ASN B 65 11.96 -9.01 6.21
C ASN B 65 11.79 -8.11 7.44
N VAL B 66 11.07 -8.54 8.47
CA VAL B 66 10.70 -7.61 9.57
C VAL B 66 11.56 -7.70 10.85
N PRO B 67 11.89 -8.85 11.44
CA PRO B 67 12.51 -8.85 12.77
C PRO B 67 14.04 -8.79 12.83
N ASN B 68 14.71 -8.66 11.68
CA ASN B 68 16.18 -8.75 11.50
C ASN B 68 16.81 -7.35 11.46
N GLY B 69 16.08 -6.32 11.91
CA GLY B 69 16.55 -4.92 11.87
C GLY B 69 17.17 -4.53 13.21
N LYS B 70 17.71 -3.30 13.29
CA LYS B 70 18.22 -2.72 14.56
C LYS B 70 17.03 -2.28 15.43
N LYS B 71 15.82 -2.29 14.88
CA LYS B 71 14.51 -2.25 15.61
C LYS B 71 14.28 -0.95 16.39
N ASN B 72 14.83 0.17 15.94
CA ASN B 72 14.82 1.43 16.73
C ASN B 72 13.40 1.94 16.94
N ARG B 73 12.56 1.95 15.90
CA ARG B 73 11.23 2.60 15.95
C ARG B 73 10.28 1.81 16.86
N GLY B 74 10.27 0.49 16.69
CA GLY B 74 9.50 -0.46 17.53
C GLY B 74 9.93 -0.40 18.98
N LEU B 75 11.22 -0.20 19.22
CA LEU B 75 11.76 -0.01 20.60
C LEU B 75 11.37 1.38 21.13
N ALA B 76 11.38 2.40 20.26
CA ALA B 76 11.00 3.79 20.61
C ALA B 76 9.53 3.85 21.05
N THR B 77 8.67 3.01 20.46
CA THR B 77 7.21 3.01 20.71
C THR B 77 6.93 2.49 22.12
N ILE B 78 7.61 1.40 22.50
CA ILE B 78 7.50 0.75 23.83
C ILE B 78 8.24 1.60 24.87
N LEU B 79 9.42 2.13 24.55
CA LEU B 79 10.16 3.04 25.48
C LEU B 79 9.28 4.25 25.84
N ALA B 80 8.52 4.81 24.88
CA ALA B 80 7.72 6.03 25.08
C ALA B 80 6.48 5.67 25.90
N TYR B 81 5.94 4.48 25.67
CA TYR B 81 4.69 4.04 26.35
C TYR B 81 5.00 3.85 27.83
N LYS B 82 6.14 3.23 28.16
CA LYS B 82 6.57 3.05 29.58
C LYS B 82 6.78 4.41 30.25
N MET B 83 7.32 5.38 29.50
CA MET B 83 7.56 6.76 29.98
C MET B 83 6.24 7.51 30.14
N LEU B 84 5.20 7.21 29.34
CA LEU B 84 3.99 8.07 29.21
C LEU B 84 2.81 7.48 29.99
N GLU B 85 2.79 6.17 30.24
CA GLU B 85 1.66 5.50 30.93
C GLU B 85 1.75 5.77 32.44
N LYS B 86 0.60 5.87 33.09
CA LYS B 86 0.49 5.88 34.57
C LYS B 86 0.90 4.50 35.10
N LYS B 87 1.55 4.45 36.27
CA LYS B 87 2.27 3.24 36.77
C LYS B 87 1.28 2.11 37.06
N GLU B 88 0.11 2.45 37.59
CA GLU B 88 -1.00 1.51 37.92
C GLU B 88 -1.57 0.91 36.62
N ASN B 89 -1.15 1.38 35.45
CA ASN B 89 -1.58 0.85 34.13
C ASN B 89 -0.42 0.11 33.43
N LEU B 90 0.79 0.09 33.99
CA LEU B 90 1.97 -0.64 33.42
C LEU B 90 1.84 -2.14 33.73
N THR B 91 0.74 -2.74 33.28
CA THR B 91 0.36 -4.16 33.47
C THR B 91 0.95 -4.97 32.33
N PRO B 92 1.26 -6.28 32.52
CA PRO B 92 1.89 -7.08 31.47
C PRO B 92 1.05 -7.11 30.19
N GLU B 93 -0.27 -7.01 30.35
CA GLU B 93 -1.28 -7.01 29.24
C GLU B 93 -1.11 -5.74 28.41
N ASN B 94 -0.97 -4.59 29.08
CA ASN B 94 -0.76 -3.28 28.43
C ASN B 94 0.66 -3.22 27.85
N ILE B 95 1.65 -3.80 28.52
CA ILE B 95 3.06 -3.86 28.05
C ILE B 95 3.09 -4.69 26.77
N LEU B 96 2.36 -5.81 26.74
CA LEU B 96 2.31 -6.71 25.55
C LEU B 96 1.71 -5.95 24.37
N LEU B 97 0.64 -5.19 24.59
CA LEU B 97 0.02 -4.29 23.59
C LEU B 97 1.03 -3.28 23.05
N ALA B 98 1.76 -2.56 23.92
CA ALA B 98 2.75 -1.55 23.49
C ALA B 98 3.77 -2.25 22.58
N ASN B 99 4.08 -3.48 22.97
CA ASN B 99 5.10 -4.37 22.34
C ASN B 99 4.58 -4.89 20.99
N VAL B 100 3.27 -5.06 20.80
CA VAL B 100 2.74 -5.42 19.45
C VAL B 100 2.61 -4.14 18.63
N MET B 101 2.44 -2.98 19.27
CA MET B 101 2.39 -1.69 18.54
C MET B 101 3.77 -1.45 17.90
N GLY B 102 4.85 -1.71 18.65
CA GLY B 102 6.22 -1.61 18.14
C GLY B 102 6.39 -2.42 16.86
N TRP B 103 5.94 -3.66 16.87
CA TRP B 103 6.04 -4.60 15.73
C TRP B 103 5.20 -4.14 14.53
N CYS B 104 4.06 -3.48 14.76
CA CYS B 104 3.26 -2.85 13.68
C CYS B 104 4.01 -1.65 13.07
N VAL B 105 4.81 -0.91 13.85
CA VAL B 105 5.61 0.24 13.32
C VAL B 105 6.73 -0.33 12.43
N GLU B 106 7.41 -1.36 12.94
CA GLU B 106 8.46 -2.11 12.22
C GLU B 106 7.91 -2.69 10.92
N MET B 107 6.68 -3.19 10.95
CA MET B 107 6.05 -3.73 9.72
C MET B 107 5.80 -2.58 8.75
N PHE B 108 5.49 -1.37 9.23
CA PHE B 108 5.36 -0.14 8.40
C PHE B 108 6.70 0.19 7.72
N HIS B 109 7.77 0.15 8.51
CA HIS B 109 9.16 0.44 8.08
C HIS B 109 9.60 -0.60 7.03
N THR B 110 9.23 -1.86 7.21
CA THR B 110 9.62 -2.97 6.31
C THR B 110 8.94 -2.75 4.96
N HIS B 111 7.66 -2.38 4.98
CA HIS B 111 6.88 -2.03 3.75
C HIS B 111 7.65 -0.95 2.98
N GLN B 112 8.04 0.11 3.70
CA GLN B 112 8.73 1.27 3.12
C GLN B 112 10.07 0.79 2.53
N LEU B 113 10.87 0.04 3.30
CA LEU B 113 12.20 -0.47 2.87
C LEU B 113 12.07 -1.28 1.58
N LEU B 114 11.08 -2.18 1.48
CA LEU B 114 10.96 -3.13 0.34
C LEU B 114 10.56 -2.38 -0.95
N LEU B 115 9.58 -1.47 -0.89
CA LEU B 115 9.16 -0.68 -2.06
C LEU B 115 10.37 0.10 -2.58
N ASN B 116 11.14 0.67 -1.66
CA ASN B 116 12.36 1.44 -1.96
C ASN B 116 13.41 0.50 -2.56
N ASP B 117 13.55 -0.71 -2.02
CA ASP B 117 14.47 -1.77 -2.49
C ASP B 117 14.31 -1.96 -4.01
N ILE B 118 13.07 -2.16 -4.45
CA ILE B 118 12.70 -2.38 -5.88
C ILE B 118 12.92 -1.09 -6.67
N MET B 119 12.59 0.07 -6.09
CA MET B 119 12.60 1.36 -6.83
C MET B 119 14.04 1.79 -7.11
N GLU B 120 14.99 1.50 -6.21
CA GLU B 120 16.37 2.02 -6.28
C GLU B 120 17.35 0.90 -6.70
N GLY B 121 16.89 -0.34 -6.87
CA GLY B 121 17.74 -1.46 -7.30
C GLY B 121 18.72 -1.90 -6.22
N THR B 122 18.34 -1.85 -4.94
CA THR B 122 19.18 -2.31 -3.80
C THR B 122 19.47 -3.81 -3.97
N THR B 123 20.66 -4.28 -3.60
CA THR B 123 21.06 -5.68 -3.87
C THR B 123 21.18 -6.41 -2.52
N MET B 124 21.86 -5.81 -1.54
CA MET B 124 22.00 -6.37 -0.16
C MET B 124 21.36 -5.42 0.86
N ARG B 125 20.92 -5.95 2.01
CA ARG B 125 20.40 -5.12 3.12
C ARG B 125 20.17 -6.01 4.36
N ARG B 126 20.71 -5.61 5.52
CA ARG B 126 20.58 -6.30 6.83
C ARG B 126 21.51 -7.53 6.86
N GLY B 127 22.55 -7.53 6.01
CA GLY B 127 23.58 -8.58 5.94
C GLY B 127 23.13 -9.78 5.13
N VAL B 128 22.09 -9.59 4.29
CA VAL B 128 21.43 -10.63 3.44
C VAL B 128 21.02 -9.99 2.11
N PRO B 129 20.81 -10.79 1.03
CA PRO B 129 20.21 -10.28 -0.21
C PRO B 129 18.76 -9.79 -0.02
N CYS B 130 18.45 -8.59 -0.58
CA CYS B 130 17.11 -7.96 -0.65
C CYS B 130 16.08 -8.98 -1.18
N TRP B 131 14.88 -9.02 -0.59
CA TRP B 131 13.82 -9.99 -0.92
C TRP B 131 13.65 -10.14 -2.44
N HIS B 132 13.54 -9.02 -3.14
CA HIS B 132 13.12 -8.94 -4.56
C HIS B 132 14.21 -9.49 -5.48
N ARG B 133 15.42 -9.75 -4.98
CA ARG B 133 16.56 -10.29 -5.75
C ARG B 133 16.49 -11.83 -5.82
N ARG B 134 15.66 -12.47 -4.98
CA ARG B 134 15.30 -13.92 -5.12
C ARG B 134 14.65 -14.17 -6.48
N PRO B 135 14.85 -15.36 -7.11
CA PRO B 135 14.45 -15.56 -8.50
C PRO B 135 12.92 -15.63 -8.69
N ASP B 136 12.21 -16.15 -7.68
CA ASP B 136 10.74 -16.43 -7.70
C ASP B 136 9.95 -15.16 -7.37
N VAL B 137 10.60 -14.01 -7.22
CA VAL B 137 9.94 -12.74 -6.79
C VAL B 137 10.18 -11.65 -7.85
N GLY B 138 11.40 -11.12 -7.97
CA GLY B 138 11.65 -9.99 -8.89
C GLY B 138 10.61 -8.90 -8.66
N LEU B 139 9.85 -8.51 -9.68
CA LEU B 139 8.87 -7.39 -9.58
C LEU B 139 7.64 -7.81 -8.75
N ASN B 140 7.40 -9.11 -8.58
CA ASN B 140 6.35 -9.62 -7.65
C ASN B 140 6.68 -9.22 -6.22
N GLY B 141 7.90 -8.72 -5.99
CA GLY B 141 8.30 -8.09 -4.72
C GLY B 141 7.27 -7.08 -4.24
N ILE B 142 6.57 -6.44 -5.18
CA ILE B 142 5.61 -5.33 -4.90
C ILE B 142 4.39 -5.93 -4.21
N ASN B 143 3.98 -7.13 -4.60
CA ASN B 143 2.77 -7.76 -4.01
C ASN B 143 3.12 -8.28 -2.63
N ASP B 144 4.34 -8.79 -2.45
CA ASP B 144 4.86 -9.21 -1.12
C ASP B 144 4.90 -8.00 -0.18
N ALA B 145 5.14 -6.80 -0.71
CA ALA B 145 5.06 -5.55 0.08
C ALA B 145 3.62 -5.30 0.53
N ALA B 146 2.65 -5.52 -0.36
CA ALA B 146 1.23 -5.27 -0.04
C ALA B 146 0.78 -6.25 1.05
N LEU B 147 1.30 -7.47 1.03
CA LEU B 147 1.00 -8.55 2.00
C LEU B 147 1.50 -8.13 3.39
N ILE B 148 2.70 -7.59 3.47
CA ILE B 148 3.28 -7.08 4.75
C ILE B 148 2.40 -5.94 5.28
N GLN B 149 1.98 -5.02 4.42
CA GLN B 149 1.10 -3.87 4.80
C GLN B 149 -0.21 -4.39 5.36
N SER B 150 -0.78 -5.40 4.72
CA SER B 150 -2.08 -6.01 5.11
C SER B 150 -1.97 -6.70 6.47
N ALA B 151 -0.93 -7.51 6.68
CA ALA B 151 -0.56 -8.15 7.96
C ALA B 151 -0.59 -7.11 9.09
N MET B 152 0.10 -5.99 8.90
CA MET B 152 0.15 -4.84 9.82
C MET B 152 -1.28 -4.40 10.19
N TYR B 153 -2.14 -4.16 9.19
CA TYR B 153 -3.52 -3.68 9.40
C TYR B 153 -4.37 -4.77 10.07
N THR B 154 -4.18 -6.04 9.71
CA THR B 154 -4.84 -7.19 10.39
C THR B 154 -4.41 -7.18 11.87
N SER B 155 -3.11 -7.33 12.09
CA SER B 155 -2.46 -7.33 13.42
C SER B 155 -2.99 -6.13 14.24
N LEU B 156 -3.16 -4.94 13.63
CA LEU B 156 -3.72 -3.71 14.28
C LEU B 156 -5.15 -3.98 14.74
N LYS B 157 -5.94 -4.64 13.88
CA LYS B 157 -7.37 -4.95 14.12
C LYS B 157 -7.53 -5.98 15.26
N ARG B 158 -6.77 -7.07 15.23
CA ARG B 158 -6.97 -8.21 16.18
C ARG B 158 -6.52 -7.92 17.60
N HIS B 159 -5.80 -6.83 17.79
CA HIS B 159 -5.23 -6.47 19.11
C HIS B 159 -5.96 -5.23 19.69
N PHE B 160 -6.34 -4.25 18.84
CA PHE B 160 -6.69 -2.88 19.27
C PHE B 160 -8.11 -2.44 18.89
N ASN B 161 -8.92 -3.28 18.24
CA ASN B 161 -10.28 -2.90 17.77
C ASN B 161 -11.23 -2.56 18.94
N SER B 162 -10.99 -3.05 20.16
CA SER B 162 -11.83 -2.79 21.36
C SER B 162 -11.61 -1.38 21.90
N LYS B 163 -10.43 -0.82 21.67
CA LYS B 163 -9.93 0.39 22.39
C LYS B 163 -10.64 1.60 21.79
N PRO B 164 -10.96 2.64 22.59
CA PRO B 164 -11.50 3.88 22.03
C PRO B 164 -10.50 4.66 21.16
N TYR B 165 -9.20 4.37 21.27
CA TYR B 165 -8.14 5.08 20.51
C TYR B 165 -7.87 4.40 19.17
N TYR B 166 -8.70 3.42 18.81
CA TYR B 166 -8.49 2.50 17.66
C TYR B 166 -8.56 3.27 16.34
N ASN B 167 -9.64 4.02 16.12
CA ASN B 167 -9.84 4.88 14.92
C ASN B 167 -8.61 5.78 14.72
N TYR B 168 -8.03 6.31 15.81
CA TYR B 168 -6.93 7.31 15.75
C TYR B 168 -5.62 6.60 15.39
N VAL B 169 -5.48 5.32 15.77
CA VAL B 169 -4.28 4.52 15.45
C VAL B 169 -4.25 4.27 13.93
N LEU B 170 -5.36 3.78 13.37
CA LEU B 170 -5.50 3.54 11.92
C LEU B 170 -5.17 4.84 11.16
N GLU B 171 -5.80 5.95 11.53
CA GLU B 171 -5.60 7.27 10.87
C GLU B 171 -4.11 7.62 10.85
N THR B 172 -3.38 7.35 11.94
CA THR B 172 -1.95 7.74 12.09
C THR B 172 -1.11 6.91 11.13
N PHE B 173 -1.37 5.60 11.05
CA PHE B 173 -0.70 4.67 10.09
C PHE B 173 -1.02 5.07 8.66
N ASN B 174 -2.25 5.53 8.40
CA ASN B 174 -2.70 5.99 7.06
C ASN B 174 -2.02 7.31 6.73
N GLU B 175 -2.07 8.28 7.63
CA GLU B 175 -1.45 9.63 7.45
C GLU B 175 0.04 9.46 7.17
N MET B 176 0.68 8.53 7.87
CA MET B 176 2.16 8.35 7.83
C MET B 176 2.59 7.78 6.48
N LEU B 177 1.71 6.99 5.85
CA LEU B 177 1.90 6.43 4.50
C LEU B 177 1.78 7.55 3.46
N MET B 178 0.80 8.43 3.63
CA MET B 178 0.66 9.65 2.79
C MET B 178 1.98 10.41 2.86
N LYS B 179 2.49 10.63 4.07
CA LYS B 179 3.64 11.55 4.29
C LYS B 179 4.89 10.97 3.61
N CYS B 180 5.23 9.71 3.87
CA CYS B 180 6.38 8.99 3.24
C CYS B 180 6.33 9.14 1.72
N SER B 181 5.12 9.01 1.18
CA SER B 181 4.80 8.88 -0.26
C SER B 181 4.97 10.23 -0.96
N MET B 182 4.62 11.33 -0.28
CA MET B 182 4.90 12.70 -0.77
C MET B 182 6.40 12.97 -0.64
N GLY B 183 7.02 12.42 0.40
CA GLY B 183 8.47 12.56 0.64
C GLY B 183 9.28 11.91 -0.47
N HIS B 184 8.80 10.77 -0.98
CA HIS B 184 9.48 9.94 -2.02
C HIS B 184 9.37 10.63 -3.37
N TYR B 185 8.26 11.33 -3.63
CA TYR B 185 8.06 12.10 -4.88
C TYR B 185 9.07 13.25 -4.91
N VAL B 186 9.07 14.04 -3.83
CA VAL B 186 9.92 15.26 -3.67
C VAL B 186 11.39 14.87 -3.85
N GLN B 187 11.80 13.69 -3.36
CA GLN B 187 13.19 13.16 -3.51
C GLN B 187 13.52 12.86 -4.98
N LYS B 188 12.57 12.33 -5.75
N LYS B 188 12.56 12.31 -5.74
CA LYS B 188 12.82 11.87 -7.14
CA LYS B 188 12.79 11.87 -7.15
C LYS B 188 13.02 13.08 -8.06
C LYS B 188 13.04 13.08 -8.05
N LEU B 189 12.46 14.24 -7.72
CA LEU B 189 12.65 15.50 -8.50
C LEU B 189 14.13 15.91 -8.51
N MET B 190 14.91 15.47 -7.51
CA MET B 190 16.32 15.85 -7.29
C MET B 190 17.24 15.11 -8.27
N LEU B 191 16.85 13.95 -8.78
CA LEU B 191 17.71 13.33 -9.81
C LEU B 191 17.02 13.37 -11.16
N LYS B 192 17.25 14.44 -11.91
CA LYS B 192 16.67 14.50 -13.28
C LYS B 192 17.70 13.97 -14.28
N THR B 193 17.34 12.94 -15.02
CA THR B 193 18.22 12.35 -16.08
C THR B 193 19.51 11.75 -15.51
N ASP B 194 19.49 11.15 -14.32
CA ASP B 194 20.67 10.40 -13.79
C ASP B 194 21.80 11.36 -13.40
N LYS B 195 21.62 12.67 -13.58
CA LYS B 195 22.55 13.74 -13.12
C LYS B 195 21.85 14.53 -12.02
N PRO B 196 22.46 14.78 -10.84
CA PRO B 196 21.77 15.53 -9.79
C PRO B 196 21.43 16.95 -10.28
N ASP B 197 20.27 17.47 -9.84
CA ASP B 197 19.66 18.77 -10.28
C ASP B 197 20.01 19.82 -9.22
N LEU B 198 21.25 20.35 -9.28
CA LEU B 198 21.88 21.17 -8.21
C LEU B 198 21.11 22.49 -8.00
N SER B 199 20.26 22.90 -8.94
CA SER B 199 19.37 24.08 -8.80
C SER B 199 18.36 23.89 -7.66
N LEU B 200 18.02 22.63 -7.33
CA LEU B 200 16.98 22.27 -6.31
C LEU B 200 17.64 21.95 -4.95
N PHE B 201 18.96 21.84 -4.91
CA PHE B 201 19.69 21.49 -3.66
C PHE B 201 19.71 22.66 -2.67
N THR B 202 18.56 23.04 -2.14
CA THR B 202 18.41 24.11 -1.11
C THR B 202 18.02 23.49 0.25
N MET B 203 18.26 24.22 1.34
CA MET B 203 17.95 23.77 2.72
C MET B 203 16.45 23.58 2.88
N GLU B 204 15.62 24.42 2.25
CA GLU B 204 14.14 24.30 2.32
C GLU B 204 13.73 22.93 1.75
N LYS B 205 14.37 22.50 0.65
CA LYS B 205 14.07 21.24 -0.09
C LYS B 205 14.64 20.03 0.67
N TYR B 206 15.84 20.15 1.26
CA TYR B 206 16.47 19.07 2.06
C TYR B 206 15.69 18.86 3.37
N GLU B 207 15.24 19.94 4.01
CA GLU B 207 14.45 19.87 5.26
C GLU B 207 13.11 19.19 4.98
N ALA B 208 12.47 19.44 3.84
CA ALA B 208 11.15 18.89 3.46
C ALA B 208 11.26 17.40 3.10
N ILE B 209 12.23 17.03 2.25
CA ILE B 209 12.61 15.62 1.94
C ILE B 209 12.81 14.83 3.25
N THR B 210 13.66 15.31 4.16
CA THR B 210 14.01 14.62 5.43
C THR B 210 12.76 14.45 6.31
N LYS B 211 11.98 15.53 6.50
CA LYS B 211 10.75 15.58 7.32
C LYS B 211 9.75 14.53 6.78
N TYR B 212 9.35 14.64 5.51
CA TYR B 212 8.25 13.84 4.92
C TYR B 212 8.69 12.37 4.85
N LYS B 213 9.86 12.10 4.27
CA LYS B 213 10.33 10.72 3.98
C LYS B 213 10.81 10.00 5.26
N THR B 214 11.51 10.66 6.19
CA THR B 214 12.16 9.98 7.34
C THR B 214 11.47 10.38 8.66
N SER B 215 11.56 11.65 9.06
CA SER B 215 11.30 12.12 10.45
C SER B 215 9.90 11.72 10.94
N TYR B 216 8.86 12.05 10.18
CA TYR B 216 7.47 11.83 10.60
C TYR B 216 7.29 10.42 11.19
N TYR B 217 7.76 9.38 10.49
CA TYR B 217 7.43 7.98 10.87
C TYR B 217 8.57 7.38 11.71
N THR B 218 9.77 7.95 11.66
CA THR B 218 10.93 7.45 12.46
C THR B 218 10.85 8.01 13.88
N PHE B 219 10.53 9.29 14.06
CA PHE B 219 10.63 10.01 15.37
C PHE B 219 9.26 10.40 15.93
N GLN B 220 8.25 10.74 15.11
CA GLN B 220 6.94 11.16 15.66
C GLN B 220 6.05 9.93 15.90
N MET B 221 5.77 9.16 14.84
CA MET B 221 4.79 8.03 14.90
C MET B 221 4.95 7.26 16.21
N PRO B 222 6.15 6.73 16.55
CA PRO B 222 6.32 5.97 17.80
C PRO B 222 5.69 6.66 19.02
N VAL B 223 5.99 7.94 19.21
CA VAL B 223 5.59 8.73 20.41
C VAL B 223 4.08 9.00 20.31
N SER B 224 3.56 9.38 19.14
CA SER B 224 2.12 9.73 18.98
C SER B 224 1.26 8.47 19.19
N LEU B 225 1.75 7.28 18.79
CA LEU B 225 1.06 5.98 19.03
C LEU B 225 1.01 5.68 20.53
N ALA B 226 2.14 5.87 21.22
CA ALA B 226 2.30 5.68 22.68
C ALA B 226 1.39 6.68 23.41
N LEU B 227 1.27 7.90 22.90
CA LEU B 227 0.39 8.92 23.50
C LEU B 227 -1.05 8.46 23.34
N LEU B 228 -1.44 8.05 22.13
CA LEU B 228 -2.78 7.49 21.84
C LEU B 228 -3.07 6.32 22.79
N MET B 229 -2.15 5.36 22.93
CA MET B 229 -2.32 4.13 23.76
C MET B 229 -2.57 4.49 25.23
N THR B 230 -2.06 5.66 25.63
CA THR B 230 -2.12 6.21 27.00
C THR B 230 -3.47 6.89 27.23
N GLY B 231 -4.21 7.20 26.16
CA GLY B 231 -5.52 7.86 26.19
C GLY B 231 -5.42 9.36 25.93
N VAL B 232 -4.22 9.86 25.66
CA VAL B 232 -3.97 11.29 25.33
C VAL B 232 -4.14 11.48 23.81
N ASP B 233 -5.17 12.20 23.40
CA ASP B 233 -5.41 12.58 21.98
C ASP B 233 -5.41 14.11 21.86
N ASP B 234 -5.16 14.84 22.96
CA ASP B 234 -5.16 16.33 22.99
C ASP B 234 -4.40 16.80 21.75
N PRO B 235 -5.00 17.68 20.91
CA PRO B 235 -4.37 18.12 19.67
C PRO B 235 -3.05 18.87 19.92
N GLU B 236 -3.00 19.66 21.00
CA GLU B 236 -1.89 20.60 21.33
C GLU B 236 -0.76 19.83 22.02
N THR B 237 -1.05 18.74 22.73
CA THR B 237 -0.04 17.85 23.36
C THR B 237 0.68 17.02 22.29
N HIS B 238 0.00 16.70 21.19
CA HIS B 238 0.59 16.05 19.99
C HIS B 238 1.47 17.07 19.26
N ARG B 239 1.01 18.33 19.14
CA ARG B 239 1.73 19.39 18.40
C ARG B 239 3.08 19.65 19.05
N GLN B 240 3.13 19.74 20.38
CA GLN B 240 4.34 20.13 21.13
C GLN B 240 5.41 19.06 20.93
N ALA B 241 5.02 17.79 21.10
CA ALA B 241 5.86 16.58 20.92
C ALA B 241 6.40 16.51 19.48
N LYS B 242 5.55 16.85 18.52
CA LYS B 242 5.77 16.72 17.05
C LYS B 242 6.84 17.73 16.61
N THR B 243 6.78 18.96 17.13
CA THR B 243 7.74 20.05 16.82
C THR B 243 9.14 19.56 17.20
N ILE B 244 9.33 19.20 18.46
CA ILE B 244 10.64 18.76 19.02
C ILE B 244 11.21 17.62 18.19
N LEU B 245 10.39 16.58 17.99
CA LEU B 245 10.80 15.27 17.45
C LEU B 245 11.19 15.42 15.98
N LEU B 246 10.49 16.30 15.27
CA LEU B 246 10.79 16.62 13.86
C LEU B 246 12.17 17.26 13.76
N LYS B 247 12.48 18.22 14.63
CA LYS B 247 13.81 18.87 14.68
C LYS B 247 14.89 17.84 15.00
N MET B 248 14.68 17.02 16.04
CA MET B 248 15.61 15.90 16.40
C MET B 248 15.80 14.97 15.20
N GLY B 249 14.72 14.68 14.46
CA GLY B 249 14.73 13.87 13.22
C GLY B 249 15.67 14.47 12.18
N GLU B 250 15.56 15.78 11.95
CA GLU B 250 16.41 16.52 10.99
C GLU B 250 17.88 16.43 11.40
N PHE B 251 18.17 16.55 12.71
CA PHE B 251 19.54 16.53 13.29
C PHE B 251 20.19 15.18 13.00
N PHE B 252 19.54 14.10 13.41
CA PHE B 252 20.00 12.70 13.13
C PHE B 252 20.32 12.56 11.64
N GLN B 253 19.55 13.21 10.78
CA GLN B 253 19.76 13.11 9.31
C GLN B 253 21.09 13.80 8.94
N ILE B 254 21.33 15.01 9.47
CA ILE B 254 22.52 15.87 9.19
C ILE B 254 23.78 15.11 9.65
N GLN B 255 23.73 14.52 10.85
CA GLN B 255 24.80 13.68 11.44
C GLN B 255 25.06 12.49 10.50
N ASP B 256 24.00 11.81 10.08
CA ASP B 256 24.09 10.62 9.21
C ASP B 256 24.80 11.03 7.91
N ASP B 257 24.40 12.16 7.32
CA ASP B 257 25.04 12.76 6.12
C ASP B 257 26.55 12.96 6.35
N PHE B 258 26.94 13.54 7.50
CA PHE B 258 28.34 13.89 7.82
C PHE B 258 29.23 12.64 7.88
N LEU B 259 28.85 11.66 8.68
CA LEU B 259 29.59 10.37 8.82
C LEU B 259 29.54 9.63 7.48
N ASP B 260 28.40 9.63 6.77
CA ASP B 260 28.38 9.02 5.41
C ASP B 260 29.63 9.47 4.66
N CYS B 261 30.04 10.73 4.82
CA CYS B 261 31.15 11.34 4.06
C CYS B 261 32.46 11.34 4.86
N PHE B 262 32.42 11.64 6.16
CA PHE B 262 33.63 11.77 7.03
C PHE B 262 33.65 10.63 8.05
N GLY B 263 32.79 9.63 7.89
CA GLY B 263 32.60 8.54 8.87
C GLY B 263 33.80 7.62 8.87
N ASP B 264 34.14 7.07 10.03
CA ASP B 264 35.27 6.12 10.23
C ASP B 264 34.75 4.69 10.08
N PRO B 265 35.22 3.92 9.06
CA PRO B 265 34.69 2.57 8.79
C PRO B 265 35.37 1.49 9.65
N GLY B 272 30.51 5.25 2.69
CA GLY B 272 29.40 6.14 2.30
C GLY B 272 29.44 6.51 0.84
N THR B 273 28.31 6.38 0.14
CA THR B 273 28.18 6.46 -1.34
C THR B 273 27.40 7.72 -1.74
N ASP B 274 26.93 8.51 -0.78
CA ASP B 274 26.32 9.80 -1.16
C ASP B 274 27.50 10.56 -1.74
N ILE B 275 27.35 11.27 -2.86
CA ILE B 275 28.42 12.00 -3.61
C ILE B 275 28.46 11.33 -4.96
N GLN B 276 28.97 10.09 -5.00
CA GLN B 276 28.94 9.30 -6.24
C GLN B 276 27.47 9.11 -6.59
N ASP B 277 26.60 9.26 -5.60
CA ASP B 277 25.16 8.97 -5.84
C ASP B 277 24.35 10.24 -6.05
N GLY B 278 24.96 11.42 -5.95
CA GLY B 278 24.24 12.69 -6.15
C GLY B 278 23.04 12.84 -5.21
N LYS B 279 23.15 12.35 -3.96
CA LYS B 279 22.14 12.53 -2.90
C LYS B 279 22.13 14.00 -2.47
N CYS B 280 20.94 14.50 -2.11
CA CYS B 280 20.81 15.84 -1.48
C CYS B 280 21.12 15.66 -0.01
N THR B 281 22.38 15.77 0.36
CA THR B 281 22.90 15.73 1.74
C THR B 281 23.16 17.17 2.22
N TRP B 282 23.20 17.36 3.53
CA TRP B 282 23.44 18.67 4.22
C TRP B 282 24.78 19.25 3.80
N LEU B 283 25.74 18.36 3.51
CA LEU B 283 27.10 18.72 3.04
C LEU B 283 27.04 19.42 1.67
N ALA B 284 26.30 18.87 0.69
CA ALA B 284 26.16 19.44 -0.67
C ALA B 284 25.36 20.74 -0.59
N VAL B 285 24.33 20.80 0.27
CA VAL B 285 23.42 21.98 0.34
C VAL B 285 24.22 23.17 0.85
N VAL B 286 24.96 22.97 1.93
CA VAL B 286 25.71 24.06 2.62
C VAL B 286 26.94 24.42 1.78
N ALA B 287 27.60 23.46 1.14
CA ALA B 287 28.71 23.72 0.19
C ALA B 287 28.21 24.70 -0.87
N LEU B 288 27.03 24.47 -1.44
CA LEU B 288 26.47 25.32 -2.54
C LEU B 288 26.11 26.70 -2.00
N GLN B 289 25.82 26.84 -0.71
CA GLN B 289 25.48 28.14 -0.08
C GLN B 289 26.74 29.01 0.03
N ARG B 290 27.92 28.39 0.17
CA ARG B 290 29.22 29.06 0.46
C ARG B 290 30.15 29.09 -0.76
N ALA B 291 29.95 28.20 -1.72
CA ALA B 291 30.79 28.07 -2.93
C ALA B 291 30.90 29.43 -3.64
N THR B 292 32.12 29.82 -3.98
CA THR B 292 32.50 30.72 -5.11
C THR B 292 31.92 30.17 -6.40
N PRO B 293 31.60 31.00 -7.43
CA PRO B 293 31.13 30.49 -8.73
C PRO B 293 32.01 29.40 -9.34
N ALA B 294 33.34 29.54 -9.26
CA ALA B 294 34.33 28.48 -9.59
C ALA B 294 34.01 27.20 -8.79
N GLN B 295 33.77 27.34 -7.49
CA GLN B 295 33.49 26.22 -6.55
C GLN B 295 32.11 25.62 -6.80
N LYS B 296 31.18 26.31 -7.46
CA LYS B 296 29.91 25.70 -7.94
C LYS B 296 30.21 24.80 -9.15
N GLN B 297 31.18 25.20 -10.00
CA GLN B 297 31.57 24.48 -11.24
C GLN B 297 32.09 23.08 -10.89
N ILE B 298 33.05 23.00 -9.96
CA ILE B 298 33.67 21.72 -9.50
C ILE B 298 32.58 20.80 -8.94
N MET B 299 31.54 21.38 -8.36
CA MET B 299 30.37 20.67 -7.82
C MET B 299 29.50 20.15 -8.98
N GLU B 300 29.25 20.98 -10.00
CA GLU B 300 28.43 20.60 -11.18
C GLU B 300 29.17 19.58 -12.06
N ASP B 301 30.48 19.40 -11.86
CA ASP B 301 31.33 18.53 -12.72
C ASP B 301 31.69 17.22 -12.00
N ASN B 302 31.51 17.12 -10.68
CA ASN B 302 32.04 15.98 -9.89
C ASN B 302 30.99 15.40 -8.93
N TYR B 303 29.77 15.95 -8.85
CA TYR B 303 28.73 15.39 -7.95
C TYR B 303 27.84 14.43 -8.76
N GLY B 304 27.69 13.20 -8.24
CA GLY B 304 26.89 12.13 -8.87
C GLY B 304 27.66 11.42 -9.96
N VAL B 305 28.98 11.31 -9.81
CA VAL B 305 29.88 10.64 -10.80
C VAL B 305 30.73 9.58 -10.06
N ASN B 306 30.45 8.30 -10.36
CA ASN B 306 30.99 7.14 -9.63
C ASN B 306 32.41 6.91 -10.12
N LYS B 307 33.35 7.75 -9.68
CA LYS B 307 34.79 7.69 -10.05
C LYS B 307 35.63 8.14 -8.86
N PRO B 308 36.66 7.37 -8.44
CA PRO B 308 37.50 7.79 -7.32
C PRO B 308 37.97 9.26 -7.37
N GLU B 309 38.15 9.82 -8.58
CA GLU B 309 38.77 11.17 -8.79
C GLU B 309 37.76 12.27 -8.47
N ALA B 310 36.55 12.18 -9.04
CA ALA B 310 35.44 13.13 -8.84
C ALA B 310 35.04 13.15 -7.34
N ILE B 311 34.84 11.97 -6.77
CA ILE B 311 34.41 11.76 -5.35
C ILE B 311 35.47 12.40 -4.43
N ALA B 312 36.75 12.22 -4.76
CA ALA B 312 37.89 12.71 -3.95
C ALA B 312 37.96 14.24 -4.03
N ARG B 313 37.35 14.82 -5.08
CA ARG B 313 37.47 16.26 -5.43
C ARG B 313 36.37 17.03 -4.70
N ILE B 314 35.15 16.47 -4.72
CA ILE B 314 34.01 16.86 -3.84
C ILE B 314 34.44 16.85 -2.37
N LYS B 315 35.37 15.96 -1.98
CA LYS B 315 35.86 15.87 -0.57
C LYS B 315 36.92 16.94 -0.31
N ASP B 316 37.78 17.25 -1.29
CA ASP B 316 38.86 18.29 -1.18
C ASP B 316 38.20 19.66 -1.04
N LEU B 317 37.18 19.92 -1.87
CA LEU B 317 36.27 21.08 -1.73
C LEU B 317 35.62 21.11 -0.32
N TYR B 318 34.88 20.06 0.08
CA TYR B 318 34.17 20.02 1.39
C TYR B 318 35.15 20.38 2.50
N GLU B 319 36.41 19.97 2.40
CA GLU B 319 37.43 20.32 3.43
C GLU B 319 37.82 21.78 3.22
N GLU B 320 38.04 22.19 1.97
CA GLU B 320 38.44 23.58 1.59
C GLU B 320 37.40 24.58 2.10
N LEU B 321 36.11 24.27 1.97
CA LEU B 321 35.01 25.18 2.43
C LEU B 321 34.86 25.08 3.95
N GLN B 322 35.64 24.21 4.60
CA GLN B 322 35.66 24.12 6.08
C GLN B 322 34.37 23.54 6.64
N LEU B 323 33.89 22.45 6.04
CA LEU B 323 32.60 21.84 6.46
C LEU B 323 32.74 21.05 7.75
N PRO B 324 33.84 20.31 7.99
CA PRO B 324 34.03 19.65 9.28
C PRO B 324 33.79 20.61 10.47
N HIS B 325 34.37 21.81 10.38
CA HIS B 325 34.30 22.85 11.43
C HIS B 325 32.85 23.32 11.56
N THR B 326 32.23 23.72 10.44
CA THR B 326 30.88 24.34 10.40
C THR B 326 29.89 23.41 11.09
N TYR B 327 29.96 22.12 10.75
CA TYR B 327 29.17 21.03 11.38
C TYR B 327 29.43 21.00 12.88
N SER B 328 30.69 20.83 13.27
CA SER B 328 31.16 20.84 14.68
C SER B 328 30.51 22.01 15.42
N VAL B 329 30.48 23.19 14.82
CA VAL B 329 29.76 24.33 15.42
C VAL B 329 28.26 24.00 15.44
N PHE B 330 27.69 23.61 14.29
CA PHE B 330 26.26 23.23 14.17
C PHE B 330 25.90 22.21 15.25
N GLU B 331 26.74 21.20 15.48
CA GLU B 331 26.44 20.08 16.41
C GLU B 331 26.24 20.64 17.82
N GLU B 332 27.27 21.34 18.31
CA GLU B 332 27.35 21.93 19.67
C GLU B 332 26.20 22.91 19.89
N THR B 333 25.93 23.79 18.91
CA THR B 333 24.87 24.85 18.95
C THR B 333 23.49 24.20 18.93
N THR B 334 23.20 23.33 17.95
CA THR B 334 21.84 22.72 17.82
C THR B 334 21.49 21.92 19.09
N TYR B 335 22.48 21.29 19.72
CA TYR B 335 22.29 20.52 20.97
C TYR B 335 21.70 21.42 22.06
N ASP B 336 22.33 22.56 22.33
CA ASP B 336 21.93 23.52 23.40
C ASP B 336 20.57 24.13 23.07
N LEU B 337 20.30 24.36 21.78
CA LEU B 337 18.99 24.87 21.32
C LEU B 337 17.88 23.87 21.72
N LEU B 338 18.04 22.58 21.38
CA LEU B 338 16.98 21.55 21.57
C LEU B 338 16.78 21.27 23.06
N ARG B 339 17.89 21.01 23.78
CA ARG B 339 17.98 20.95 25.27
C ARG B 339 17.06 22.02 25.87
N THR B 340 17.26 23.28 25.47
CA THR B 340 16.46 24.44 25.94
C THR B 340 14.99 24.29 25.51
N GLN B 341 14.74 23.93 24.25
CA GLN B 341 13.37 23.74 23.73
C GLN B 341 12.67 22.59 24.47
N ILE B 342 13.42 21.57 24.93
CA ILE B 342 12.85 20.43 25.71
C ILE B 342 12.29 20.97 27.03
N GLN B 343 13.11 21.71 27.79
CA GLN B 343 12.72 22.16 29.16
C GLN B 343 11.57 23.18 29.05
N GLN B 344 11.34 23.76 27.88
CA GLN B 344 10.21 24.70 27.64
C GLN B 344 8.90 23.93 27.38
N VAL B 345 8.91 22.59 27.37
CA VAL B 345 7.73 21.74 27.03
C VAL B 345 6.86 21.52 28.28
N THR B 346 5.53 21.64 28.11
CA THR B 346 4.56 21.42 29.21
C THR B 346 3.57 20.32 28.82
N ARG B 347 2.27 20.52 29.02
CA ARG B 347 1.21 19.55 28.64
C ARG B 347 1.46 18.20 29.31
N GLY B 348 2.06 18.20 30.51
CA GLY B 348 2.29 16.98 31.32
C GLY B 348 3.33 16.05 30.72
N LEU B 349 3.78 16.31 29.48
CA LEU B 349 4.79 15.47 28.78
C LEU B 349 6.03 15.32 29.66
N PRO B 350 6.62 14.11 29.78
CA PRO B 350 7.88 13.94 30.52
C PRO B 350 9.06 14.50 29.71
N HIS B 351 9.93 15.31 30.33
CA HIS B 351 11.15 15.85 29.67
C HIS B 351 12.14 14.70 29.46
N GLU B 352 12.20 13.79 30.44
CA GLU B 352 13.17 12.66 30.50
C GLU B 352 13.02 11.72 29.29
N LEU B 353 11.91 11.79 28.55
CA LEU B 353 11.67 11.05 27.28
C LEU B 353 12.47 11.71 26.14
N PHE B 354 12.28 13.02 25.96
CA PHE B 354 12.92 13.84 24.89
C PHE B 354 14.43 13.90 25.11
N PHE B 355 14.92 14.09 26.34
CA PHE B 355 16.37 14.18 26.67
C PHE B 355 17.05 12.87 26.29
N LYS B 356 16.34 11.77 26.50
CA LYS B 356 16.85 10.40 26.25
C LYS B 356 16.97 10.15 24.75
N ILE B 357 15.98 10.57 23.93
CA ILE B 357 16.02 10.51 22.44
C ILE B 357 17.16 11.40 21.92
N LEU B 358 17.23 12.65 22.40
CA LEU B 358 18.28 13.63 22.04
C LEU B 358 19.66 13.02 22.28
N ASP B 359 19.87 12.53 23.51
CA ASP B 359 21.19 12.00 23.94
C ASP B 359 21.50 10.75 23.11
N ASN B 360 20.52 9.90 22.82
CA ASN B 360 20.78 8.62 22.10
C ASN B 360 21.08 8.86 20.62
N ILE B 361 20.70 10.01 20.05
CA ILE B 361 21.03 10.39 18.65
C ILE B 361 22.19 11.39 18.65
N PHE B 362 23.07 11.31 19.66
CA PHE B 362 24.22 12.22 19.87
C PHE B 362 25.40 11.37 20.37
N ARG B 363 25.72 10.26 19.69
CA ARG B 363 26.74 9.26 20.15
C ARG B 363 27.67 8.85 19.00
#